data_4J6S
#
_entry.id   4J6S
#
_cell.length_a   84.190
_cell.length_b   115.120
_cell.length_c   136.900
_cell.angle_alpha   90.00
_cell.angle_beta   90.00
_cell.angle_gamma   90.00
#
_symmetry.space_group_name_H-M   'P 21 21 21'
#
loop_
_entity.id
_entity.type
_entity.pdbx_description
1 polymer '14-3-3 protein gamma'
2 polymer 'N-terminal motif of tyrosine hydroxylase'
#
loop_
_entity_poly.entity_id
_entity_poly.type
_entity_poly.pdbx_seq_one_letter_code
_entity_poly.pdbx_strand_id
1 'polypeptide(L)'
;MSRRASVGLVDREQLVQKARLAEQAERYDDMAAAMKNVTELNEPLSNEERNLLSVAYKNVVGARRSSWRVISSIEQKTSA
DGNEKKIEMVRAYREKIEKELEAVCQDVLSLLDNYLIKNCSETQYESKVFYLKMKGDYYRYLAEVATGEKRATVVESSEK
AYSEAHEISKEHMQPTHPIRLGLALNYSVFYYEIQNAPEQACHLAKTAFDDAIAELDTLNEDSYKDSTLIMQLLRDNLTL
WTSDQQDDDGGEGNN
;
A,B,C,D
2 'polypeptide(L)' MPTPDATTPQAKGFRRAV(SEP)ELDAKQAEAIMSPRFIGRRQSLIE E,F,G,H
#
# COMPACT_ATOMS: atom_id res chain seq x y z
N GLY A 8 2.49 19.70 -19.78
CA GLY A 8 2.44 20.45 -18.50
C GLY A 8 1.02 20.60 -17.99
N LEU A 9 0.36 19.47 -17.72
CA LEU A 9 -1.07 19.43 -17.28
C LEU A 9 -1.32 18.72 -15.91
N VAL A 10 -0.27 18.21 -15.25
CA VAL A 10 -0.30 17.94 -13.80
C VAL A 10 0.92 18.59 -13.15
N ASP A 11 0.83 18.82 -11.83
CA ASP A 11 1.85 19.62 -11.13
C ASP A 11 3.15 18.84 -10.83
N ARG A 12 4.11 19.15 -11.67
CA ARG A 12 5.46 18.60 -11.72
C ARG A 12 6.34 19.04 -10.57
N GLU A 13 6.27 20.31 -10.20
CA GLU A 13 7.13 20.81 -9.14
C GLU A 13 6.83 20.08 -7.84
N GLN A 14 5.56 19.84 -7.55
CA GLN A 14 5.19 19.08 -6.36
C GLN A 14 5.84 17.71 -6.29
N LEU A 15 5.90 17.04 -7.44
CA LEU A 15 6.43 15.69 -7.50
C LEU A 15 7.90 15.66 -7.23
N VAL A 16 8.64 16.60 -7.81
CA VAL A 16 10.06 16.72 -7.52
C VAL A 16 10.25 17.06 -6.04
N GLN A 17 9.34 17.84 -5.48
CA GLN A 17 9.43 18.24 -4.08
C GLN A 17 9.17 17.05 -3.16
N LYS A 18 8.28 16.19 -3.56
CA LYS A 18 8.03 14.95 -2.82
C LYS A 18 9.22 14.02 -2.90
N ALA A 19 9.86 14.00 -4.06
CA ALA A 19 11.04 13.22 -4.22
C ALA A 19 12.09 13.71 -3.25
N ARG A 20 12.27 15.02 -3.14
CA ARG A 20 13.30 15.60 -2.27
C ARG A 20 13.03 15.24 -0.83
N LEU A 21 11.76 15.30 -0.46
CA LEU A 21 11.36 14.97 0.89
C LEU A 21 11.66 13.54 1.24
N ALA A 22 11.09 12.65 0.43
CA ALA A 22 11.31 11.21 0.55
C ALA A 22 12.80 10.88 0.68
N GLU A 23 13.67 11.54 -0.11
CA GLU A 23 15.11 11.31 -0.04
C GLU A 23 15.63 11.58 1.37
N GLN A 24 15.15 12.65 1.98
CA GLN A 24 15.66 13.05 3.28
C GLN A 24 15.12 12.14 4.34
N ALA A 25 13.93 11.62 4.07
CA ALA A 25 13.35 10.59 4.93
C ALA A 25 13.84 9.19 4.65
N GLU A 26 14.81 9.04 3.75
CA GLU A 26 15.35 7.74 3.35
C GLU A 26 14.22 6.76 3.02
N ARG A 27 13.23 7.23 2.28
CA ARG A 27 12.12 6.41 1.81
C ARG A 27 12.15 6.29 0.29
N TYR A 28 13.09 5.47 -0.18
CA TYR A 28 13.49 5.46 -1.58
C TYR A 28 12.41 4.90 -2.50
N ASP A 29 11.56 4.03 -1.99
CA ASP A 29 10.41 3.53 -2.79
C ASP A 29 9.46 4.68 -3.20
N ASP A 30 9.07 5.48 -2.22
CA ASP A 30 8.32 6.73 -2.47
C ASP A 30 9.09 7.62 -3.43
N MET A 31 10.38 7.83 -3.17
CA MET A 31 11.21 8.71 -3.98
C MET A 31 11.18 8.25 -5.43
N ALA A 32 11.41 6.97 -5.66
CA ALA A 32 11.45 6.41 -7.00
C ALA A 32 10.13 6.64 -7.71
N ALA A 33 9.03 6.39 -6.99
CA ALA A 33 7.66 6.55 -7.55
C ALA A 33 7.33 8.01 -7.93
N ALA A 34 7.86 8.96 -7.18
CA ALA A 34 7.71 10.36 -7.54
C ALA A 34 8.46 10.66 -8.83
N MET A 35 9.74 10.32 -8.88
CA MET A 35 10.58 10.60 -10.04
C MET A 35 10.15 9.83 -11.27
N LYS A 36 9.59 8.64 -11.07
CA LYS A 36 8.98 7.92 -12.18
C LYS A 36 7.81 8.73 -12.78
N ASN A 37 7.04 9.33 -11.90
CA ASN A 37 5.93 10.15 -12.31
C ASN A 37 6.43 11.37 -13.08
N VAL A 38 7.47 12.04 -12.56
CA VAL A 38 8.05 13.21 -13.20
C VAL A 38 8.50 12.83 -14.59
N THR A 39 9.22 11.70 -14.68
CA THR A 39 9.75 11.20 -15.95
C THR A 39 8.60 11.01 -16.92
N GLU A 40 7.50 10.45 -16.45
CA GLU A 40 6.38 10.08 -17.32
C GLU A 40 5.67 11.30 -17.93
N LEU A 41 5.92 12.48 -17.37
CA LEU A 41 5.35 13.70 -17.93
C LEU A 41 6.01 14.04 -19.27
N ASN A 42 7.07 13.31 -19.60
CA ASN A 42 7.68 13.29 -20.92
C ASN A 42 8.49 14.51 -21.28
N GLU A 43 8.88 15.30 -20.29
CA GLU A 43 9.77 16.43 -20.52
C GLU A 43 11.16 16.08 -20.02
N PRO A 44 12.19 16.79 -20.52
CA PRO A 44 13.55 16.49 -20.08
C PRO A 44 13.76 16.72 -18.62
N LEU A 45 14.75 16.04 -18.06
CA LEU A 45 15.08 16.18 -16.63
C LEU A 45 16.29 17.08 -16.41
N SER A 46 16.21 17.99 -15.45
CA SER A 46 17.34 18.81 -15.09
C SER A 46 18.46 17.93 -14.50
N ASN A 47 19.63 18.53 -14.30
CA ASN A 47 20.70 17.79 -13.66
C ASN A 47 20.29 17.29 -12.28
N GLU A 48 19.64 18.13 -11.49
CA GLU A 48 19.23 17.72 -10.16
C GLU A 48 18.23 16.57 -10.25
N GLU A 49 17.25 16.74 -11.13
CA GLU A 49 16.17 15.77 -11.30
C GLU A 49 16.70 14.43 -11.77
N ARG A 50 17.60 14.45 -12.75
CA ARG A 50 18.31 13.23 -13.16
C ARG A 50 18.86 12.48 -11.97
N ASN A 51 19.56 13.18 -11.08
CA ASN A 51 20.22 12.55 -9.96
C ASN A 51 19.24 11.99 -8.95
N LEU A 52 18.12 12.69 -8.75
CA LEU A 52 17.05 12.20 -7.86
C LEU A 52 16.44 10.88 -8.34
N LEU A 53 16.20 10.77 -9.63
CA LEU A 53 15.85 9.50 -10.22
C LEU A 53 16.96 8.46 -10.00
N SER A 54 18.21 8.79 -10.39
CA SER A 54 19.32 7.88 -10.31
C SER A 54 19.44 7.37 -8.89
N VAL A 55 19.37 8.30 -7.94
CA VAL A 55 19.55 7.99 -6.53
C VAL A 55 18.44 7.12 -5.95
N ALA A 56 17.20 7.44 -6.27
CA ALA A 56 16.07 6.66 -5.78
C ALA A 56 16.19 5.20 -6.19
N TYR A 57 16.34 4.95 -7.48
CA TYR A 57 16.39 3.59 -7.98
C TYR A 57 17.68 2.87 -7.60
N LYS A 58 18.77 3.60 -7.47
CA LYS A 58 20.04 2.97 -7.03
C LYS A 58 19.88 2.40 -5.62
N ASN A 59 19.27 3.19 -4.74
CA ASN A 59 18.95 2.76 -3.37
C ASN A 59 17.92 1.64 -3.31
N VAL A 60 16.91 1.69 -4.14
CA VAL A 60 15.89 0.66 -4.09
C VAL A 60 16.45 -0.68 -4.53
N VAL A 61 17.07 -0.71 -5.71
CA VAL A 61 17.70 -1.95 -6.16
C VAL A 61 18.90 -2.36 -5.28
N GLY A 62 19.59 -1.39 -4.67
CA GLY A 62 20.76 -1.68 -3.85
C GLY A 62 20.40 -2.45 -2.59
N ALA A 63 19.28 -2.11 -2.00
CA ALA A 63 18.80 -2.85 -0.84
C ALA A 63 18.56 -4.32 -1.20
N ARG A 64 18.11 -4.57 -2.43
CA ARG A 64 17.88 -5.94 -2.85
C ARG A 64 19.14 -6.65 -3.29
N ARG A 65 20.10 -5.94 -3.89
CA ARG A 65 21.42 -6.54 -4.17
C ARG A 65 22.11 -6.96 -2.88
N SER A 66 22.06 -6.10 -1.89
CA SER A 66 22.67 -6.39 -0.61
C SER A 66 22.05 -7.61 0.05
N SER A 67 20.73 -7.70 0.02
CA SER A 67 20.04 -8.85 0.60
C SER A 67 20.43 -10.08 -0.18
N TRP A 68 20.30 -9.99 -1.49
CA TRP A 68 20.58 -11.12 -2.37
C TRP A 68 21.96 -11.72 -2.09
N ARG A 69 22.94 -10.88 -1.82
CA ARG A 69 24.31 -11.36 -1.61
C ARG A 69 24.44 -12.12 -0.29
N VAL A 70 23.84 -11.58 0.75
CA VAL A 70 23.83 -12.23 2.06
C VAL A 70 23.16 -13.59 1.96
N ILE A 71 22.06 -13.69 1.21
CA ILE A 71 21.35 -14.95 1.10
C ILE A 71 22.07 -15.90 0.15
N SER A 72 22.51 -15.42 -1.01
CA SER A 72 23.32 -16.26 -1.91
C SER A 72 24.45 -16.92 -1.16
N SER A 73 25.13 -16.17 -0.32
CA SER A 73 26.25 -16.71 0.45
C SER A 73 25.83 -17.75 1.53
N ILE A 74 24.74 -17.49 2.25
CA ILE A 74 24.19 -18.47 3.16
C ILE A 74 23.82 -19.75 2.39
N GLU A 75 23.35 -19.63 1.15
CA GLU A 75 22.89 -20.78 0.38
C GLU A 75 24.03 -21.74 0.05
N GLN A 76 25.25 -21.21 0.04
CA GLN A 76 26.41 -22.00 -0.39
C GLN A 76 27.05 -22.78 0.76
N LYS A 77 27.08 -22.22 1.97
CA LYS A 77 27.48 -23.02 3.14
C LYS A 77 26.37 -23.98 3.57
N THR A 78 25.13 -23.60 3.30
CA THR A 78 23.98 -24.40 3.67
C THR A 78 23.90 -25.66 2.83
N SER A 79 24.13 -25.56 1.53
CA SER A 79 23.96 -26.71 0.64
C SER A 79 24.99 -27.80 0.95
N ALA A 80 26.14 -27.40 1.48
CA ALA A 80 27.15 -28.38 1.88
C ALA A 80 26.70 -29.29 3.04
N ASP A 81 25.80 -28.81 3.90
CA ASP A 81 25.30 -29.57 5.05
C ASP A 81 24.15 -30.53 4.72
N GLY A 82 23.56 -30.36 3.55
CA GLY A 82 22.52 -31.25 3.06
C GLY A 82 21.33 -31.41 3.96
N ASN A 83 20.59 -30.32 4.15
CA ASN A 83 19.25 -30.37 4.76
C ASN A 83 18.20 -29.93 3.71
N GLU A 84 17.29 -30.82 3.32
CA GLU A 84 16.32 -30.54 2.24
C GLU A 84 15.47 -29.31 2.56
N LYS A 85 14.85 -29.36 3.75
CA LYS A 85 13.89 -28.37 4.20
C LYS A 85 14.51 -26.96 4.19
N LYS A 86 15.76 -26.88 4.63
CA LYS A 86 16.49 -25.62 4.67
C LYS A 86 17.03 -25.17 3.32
N ILE A 87 17.47 -26.11 2.50
CA ILE A 87 17.93 -25.81 1.15
C ILE A 87 16.78 -25.28 0.31
N GLU A 88 15.59 -25.86 0.47
CA GLU A 88 14.43 -25.41 -0.29
C GLU A 88 14.12 -24.00 0.15
N MET A 89 13.88 -23.81 1.45
CA MET A 89 13.53 -22.51 2.06
C MET A 89 14.40 -21.34 1.64
N VAL A 90 15.70 -21.55 1.66
CA VAL A 90 16.67 -20.55 1.28
C VAL A 90 16.64 -20.27 -0.22
N ARG A 91 16.55 -21.33 -1.00
CA ARG A 91 16.41 -21.19 -2.46
C ARG A 91 15.19 -20.33 -2.77
N ALA A 92 14.05 -20.65 -2.15
CA ALA A 92 12.82 -19.92 -2.38
C ALA A 92 12.98 -18.43 -2.01
N TYR A 93 13.59 -18.15 -0.86
CA TYR A 93 13.69 -16.79 -0.37
C TYR A 93 14.65 -15.99 -1.24
N ARG A 94 15.70 -16.64 -1.72
CA ARG A 94 16.61 -16.00 -2.67
C ARG A 94 15.85 -15.61 -3.94
N GLU A 95 15.05 -16.56 -4.45
CA GLU A 95 14.21 -16.30 -5.60
C GLU A 95 13.32 -15.10 -5.36
N LYS A 96 12.72 -15.03 -4.17
CA LYS A 96 11.76 -13.96 -3.87
C LYS A 96 12.43 -12.61 -4.05
N ILE A 97 13.59 -12.49 -3.45
CA ILE A 97 14.41 -11.30 -3.60
C ILE A 97 14.80 -11.04 -5.06
N GLU A 98 15.17 -12.08 -5.79
CA GLU A 98 15.53 -11.91 -7.19
C GLU A 98 14.41 -11.25 -7.95
N LYS A 99 13.19 -11.75 -7.81
CA LYS A 99 12.06 -11.23 -8.59
C LYS A 99 11.76 -9.78 -8.29
N GLU A 100 11.93 -9.36 -7.04
CA GLU A 100 11.80 -7.96 -6.68
C GLU A 100 12.87 -7.16 -7.39
N LEU A 101 14.10 -7.64 -7.34
CA LEU A 101 15.26 -6.93 -7.91
C LEU A 101 15.07 -6.71 -9.39
N GLU A 102 14.62 -7.75 -10.07
CA GLU A 102 14.43 -7.70 -11.53
C GLU A 102 13.27 -6.78 -11.90
N ALA A 103 12.20 -6.81 -11.12
CA ALA A 103 11.08 -5.91 -11.35
C ALA A 103 11.46 -4.43 -11.25
N VAL A 104 12.29 -4.08 -10.27
CA VAL A 104 12.79 -2.72 -10.18
C VAL A 104 13.64 -2.42 -11.41
N CYS A 105 14.45 -3.39 -11.80
CA CYS A 105 15.35 -3.19 -12.93
C CYS A 105 14.61 -2.91 -14.23
N GLN A 106 13.53 -3.64 -14.51
CA GLN A 106 12.69 -3.38 -15.71
C GLN A 106 12.05 -2.00 -15.63
N ASP A 107 11.59 -1.65 -14.44
CA ASP A 107 10.92 -0.40 -14.21
C ASP A 107 11.83 0.70 -14.74
N VAL A 108 13.05 0.78 -14.23
CA VAL A 108 14.01 1.81 -14.65
C VAL A 108 14.36 1.70 -16.14
N LEU A 109 14.70 0.48 -16.57
CA LEU A 109 15.10 0.24 -17.94
C LEU A 109 14.02 0.67 -18.93
N SER A 110 12.77 0.47 -18.55
CA SER A 110 11.65 0.89 -19.37
C SER A 110 11.57 2.41 -19.45
N LEU A 111 11.79 3.11 -18.34
CA LEU A 111 11.84 4.56 -18.36
C LEU A 111 12.99 5.02 -19.25
N LEU A 112 14.15 4.40 -19.10
CA LEU A 112 15.30 4.77 -19.93
C LEU A 112 15.03 4.57 -21.43
N ASP A 113 14.49 3.41 -21.83
CA ASP A 113 14.27 3.15 -23.26
C ASP A 113 13.18 4.01 -23.85
N ASN A 114 12.10 4.18 -23.10
CA ASN A 114 10.87 4.74 -23.65
C ASN A 114 10.63 6.21 -23.34
N TYR A 115 11.42 6.79 -22.45
CA TYR A 115 11.31 8.21 -22.14
C TYR A 115 12.66 8.93 -22.23
N LEU A 116 13.61 8.51 -21.40
CA LEU A 116 14.76 9.37 -21.13
C LEU A 116 15.72 9.40 -22.31
N ILE A 117 16.19 8.23 -22.73
CA ILE A 117 17.08 8.12 -23.88
C ILE A 117 16.35 8.54 -25.16
N LYS A 118 15.15 8.01 -25.39
CA LYS A 118 14.34 8.36 -26.57
C LYS A 118 14.29 9.87 -26.81
N ASN A 119 14.05 10.65 -25.76
CA ASN A 119 13.85 12.11 -25.90
C ASN A 119 15.12 12.91 -25.75
N CYS A 120 16.25 12.30 -26.08
CA CYS A 120 17.52 13.03 -26.13
C CYS A 120 17.74 13.47 -27.57
N SER A 121 17.98 14.76 -27.76
CA SER A 121 18.33 15.29 -29.07
C SER A 121 19.79 14.95 -29.34
N GLU A 122 20.16 14.89 -30.61
CA GLU A 122 21.47 14.39 -31.04
C GLU A 122 22.64 15.03 -30.32
N THR A 123 22.50 16.28 -29.89
CA THR A 123 23.60 17.00 -29.26
C THR A 123 23.53 17.12 -27.75
N GLN A 124 22.60 16.41 -27.12
CA GLN A 124 22.56 16.33 -25.63
C GLN A 124 23.40 15.15 -25.13
N TYR A 125 24.70 15.24 -25.39
CA TYR A 125 25.62 14.15 -25.20
C TYR A 125 25.76 13.78 -23.74
N GLU A 126 25.69 14.78 -22.86
CA GLU A 126 25.82 14.51 -21.43
C GLU A 126 24.71 13.61 -20.92
N SER A 127 23.48 13.96 -21.29
CA SER A 127 22.32 13.19 -20.88
C SER A 127 22.37 11.79 -21.50
N LYS A 128 22.58 11.71 -22.82
CA LYS A 128 22.65 10.40 -23.46
C LYS A 128 23.67 9.47 -22.81
N VAL A 129 24.78 10.04 -22.34
CA VAL A 129 25.81 9.24 -21.67
C VAL A 129 25.35 8.81 -20.26
N PHE A 130 24.83 9.76 -19.49
CA PHE A 130 24.32 9.42 -18.17
C PHE A 130 23.36 8.25 -18.32
N TYR A 131 22.32 8.44 -19.11
CA TYR A 131 21.27 7.44 -19.24
C TYR A 131 21.77 6.09 -19.79
N LEU A 132 22.74 6.11 -20.71
CA LEU A 132 23.26 4.85 -21.26
C LEU A 132 24.10 4.09 -20.21
N LYS A 133 24.89 4.84 -19.46
CA LYS A 133 25.61 4.26 -18.34
C LYS A 133 24.64 3.61 -17.36
N MET A 134 23.58 4.34 -17.02
CA MET A 134 22.54 3.84 -16.13
C MET A 134 21.91 2.55 -16.67
N LYS A 135 21.65 2.53 -17.99
CA LYS A 135 21.13 1.35 -18.65
C LYS A 135 22.10 0.18 -18.58
N GLY A 136 23.40 0.46 -18.74
CA GLY A 136 24.42 -0.55 -18.53
C GLY A 136 24.45 -1.06 -17.09
N ASP A 137 24.36 -0.13 -16.14
CA ASP A 137 24.34 -0.48 -14.72
C ASP A 137 23.23 -1.46 -14.41
N TYR A 138 22.03 -1.17 -14.87
CA TYR A 138 20.87 -1.95 -14.46
C TYR A 138 20.82 -3.28 -15.17
N TYR A 139 21.33 -3.36 -16.39
CA TYR A 139 21.47 -4.69 -17.01
C TYR A 139 22.57 -5.48 -16.29
N ARG A 140 23.60 -4.77 -15.84
CA ARG A 140 24.65 -5.40 -15.06
C ARG A 140 24.06 -6.00 -13.78
N TYR A 141 23.21 -5.25 -13.09
CA TYR A 141 22.59 -5.75 -11.86
C TYR A 141 21.73 -7.02 -12.09
N LEU A 142 21.08 -7.10 -13.23
CA LEU A 142 20.39 -8.32 -13.62
C LEU A 142 21.37 -9.46 -13.87
N ALA A 143 22.53 -9.15 -14.42
CA ALA A 143 23.53 -10.16 -14.72
C ALA A 143 24.10 -10.78 -13.47
N GLU A 144 24.23 -9.98 -12.41
CA GLU A 144 24.68 -10.50 -11.11
C GLU A 144 23.86 -11.70 -10.62
N VAL A 145 22.57 -11.74 -10.97
CA VAL A 145 21.63 -12.75 -10.45
C VAL A 145 21.08 -13.71 -11.52
N ALA A 146 21.46 -13.50 -12.77
CA ALA A 146 21.00 -14.34 -13.86
C ALA A 146 21.95 -15.50 -14.03
N THR A 147 21.43 -16.55 -14.67
CA THR A 147 22.22 -17.72 -15.05
C THR A 147 21.75 -18.24 -16.37
N GLY A 148 22.63 -18.97 -17.06
CA GLY A 148 22.31 -19.57 -18.35
C GLY A 148 22.08 -18.55 -19.46
N GLU A 149 21.18 -18.90 -20.38
CA GLU A 149 20.93 -18.05 -21.55
C GLU A 149 20.44 -16.67 -21.14
N LYS A 150 19.68 -16.60 -20.06
CA LYS A 150 19.19 -15.33 -19.60
C LYS A 150 20.34 -14.39 -19.27
N ARG A 151 21.36 -14.92 -18.60
CA ARG A 151 22.54 -14.15 -18.21
C ARG A 151 23.22 -13.62 -19.45
N ALA A 152 23.48 -14.50 -20.40
CA ALA A 152 24.16 -14.13 -21.64
C ALA A 152 23.50 -12.93 -22.32
N THR A 153 22.17 -12.92 -22.33
CA THR A 153 21.40 -11.88 -23.01
C THR A 153 21.57 -10.52 -22.36
N VAL A 154 21.44 -10.47 -21.02
CA VAL A 154 21.55 -9.19 -20.28
C VAL A 154 22.99 -8.69 -20.18
N VAL A 155 23.94 -9.62 -20.21
CA VAL A 155 25.34 -9.25 -20.29
C VAL A 155 25.59 -8.53 -21.63
N GLU A 156 25.06 -9.08 -22.71
CA GLU A 156 25.19 -8.44 -24.00
C GLU A 156 24.53 -7.04 -23.95
N SER A 157 23.34 -6.96 -23.36
CA SER A 157 22.61 -5.69 -23.30
C SER A 157 23.37 -4.65 -22.51
N SER A 158 24.06 -5.08 -21.46
CA SER A 158 24.90 -4.20 -20.65
C SER A 158 26.06 -3.67 -21.49
N GLU A 159 26.76 -4.58 -22.18
CA GLU A 159 27.89 -4.22 -23.04
C GLU A 159 27.52 -3.16 -24.09
N LYS A 160 26.41 -3.37 -24.79
CA LYS A 160 25.93 -2.41 -25.81
C LYS A 160 25.73 -0.99 -25.28
N ALA A 161 25.18 -0.88 -24.08
CA ALA A 161 24.88 0.41 -23.46
C ALA A 161 26.13 1.08 -22.94
N TYR A 162 26.95 0.34 -22.21
CA TYR A 162 28.26 0.83 -21.74
C TYR A 162 29.19 1.19 -22.89
N SER A 163 29.15 0.40 -23.95
CA SER A 163 29.95 0.65 -25.15
C SER A 163 29.51 1.92 -25.90
N GLU A 164 28.21 2.05 -26.15
CA GLU A 164 27.70 3.24 -26.81
C GLU A 164 27.98 4.48 -25.98
N ALA A 165 27.83 4.40 -24.67
CA ALA A 165 28.09 5.55 -23.80
C ALA A 165 29.56 5.93 -23.87
N HIS A 166 30.41 4.93 -24.08
CA HIS A 166 31.85 5.15 -24.16
C HIS A 166 32.22 5.96 -25.39
N GLU A 167 31.68 5.55 -26.55
CA GLU A 167 31.95 6.22 -27.82
C GLU A 167 31.56 7.68 -27.75
N ILE A 168 30.35 7.92 -27.27
CA ILE A 168 29.80 9.27 -27.19
C ILE A 168 30.62 10.10 -26.22
N SER A 169 30.95 9.54 -25.07
CA SER A 169 31.71 10.29 -24.03
C SER A 169 33.14 10.58 -24.46
N LYS A 170 33.73 9.67 -25.25
CA LYS A 170 35.10 9.85 -25.72
C LYS A 170 35.21 11.08 -26.60
N GLU A 171 34.26 11.26 -27.51
CA GLU A 171 34.31 12.34 -28.48
C GLU A 171 33.85 13.69 -27.95
N HIS A 172 32.74 13.69 -27.22
CA HIS A 172 32.11 14.95 -26.89
C HIS A 172 32.23 15.35 -25.42
N MET A 173 32.92 14.59 -24.61
CA MET A 173 33.12 14.99 -23.20
C MET A 173 34.59 14.90 -22.82
N GLN A 174 35.03 15.79 -21.96
CA GLN A 174 36.44 15.79 -21.58
C GLN A 174 36.74 14.73 -20.52
N PRO A 175 38.00 14.28 -20.45
CA PRO A 175 38.36 13.08 -19.66
C PRO A 175 38.25 13.24 -18.16
N THR A 176 38.14 14.46 -17.69
CA THR A 176 37.96 14.77 -16.27
C THR A 176 36.49 14.81 -15.83
N HIS A 177 35.56 14.85 -16.78
CA HIS A 177 34.15 14.97 -16.47
C HIS A 177 33.80 13.79 -15.56
N PRO A 178 33.17 14.08 -14.39
CA PRO A 178 32.70 13.03 -13.48
C PRO A 178 31.91 11.90 -14.15
N ILE A 179 31.02 12.23 -15.06
CA ILE A 179 30.19 11.23 -15.71
C ILE A 179 31.07 10.29 -16.54
N ARG A 180 32.01 10.85 -17.29
CA ARG A 180 32.90 10.02 -18.11
C ARG A 180 33.82 9.15 -17.25
N LEU A 181 34.22 9.67 -16.10
CA LEU A 181 35.00 8.90 -15.16
C LEU A 181 34.15 7.80 -14.53
N GLY A 182 32.92 8.15 -14.15
CA GLY A 182 32.00 7.21 -13.51
C GLY A 182 31.68 6.06 -14.43
N LEU A 183 31.54 6.39 -15.71
CA LEU A 183 31.31 5.38 -16.75
C LEU A 183 32.50 4.42 -16.83
N ALA A 184 33.69 4.98 -16.96
CA ALA A 184 34.89 4.20 -16.98
C ALA A 184 34.96 3.32 -15.76
N LEU A 185 34.55 3.88 -14.62
CA LEU A 185 34.63 3.14 -13.36
C LEU A 185 33.69 1.96 -13.41
N ASN A 186 32.43 2.20 -13.75
CA ASN A 186 31.47 1.10 -13.77
C ASN A 186 31.71 0.10 -14.90
N TYR A 187 32.07 0.59 -16.08
CA TYR A 187 32.36 -0.26 -17.23
C TYR A 187 33.55 -1.20 -16.90
N SER A 188 34.57 -0.65 -16.24
CA SER A 188 35.72 -1.44 -15.79
C SER A 188 35.25 -2.53 -14.85
N VAL A 189 34.37 -2.17 -13.91
CA VAL A 189 33.80 -3.16 -12.97
C VAL A 189 32.94 -4.23 -13.67
N PHE A 190 32.23 -3.82 -14.70
CA PHE A 190 31.50 -4.78 -15.52
C PHE A 190 32.45 -5.83 -16.07
N TYR A 191 33.54 -5.34 -16.67
CA TYR A 191 34.56 -6.22 -17.23
C TYR A 191 35.07 -7.17 -16.17
N TYR A 192 35.54 -6.65 -15.03
CA TYR A 192 36.12 -7.52 -14.01
C TYR A 192 35.12 -8.54 -13.46
N GLU A 193 33.94 -8.08 -13.03
CA GLU A 193 33.00 -8.92 -12.25
C GLU A 193 32.03 -9.81 -13.05
N ILE A 194 31.64 -9.35 -14.24
CA ILE A 194 30.63 -10.05 -15.05
C ILE A 194 31.24 -10.79 -16.24
N GLN A 195 32.17 -10.15 -16.93
CA GLN A 195 32.89 -10.78 -18.03
C GLN A 195 34.05 -11.62 -17.50
N ASN A 196 34.51 -11.30 -16.30
CA ASN A 196 35.70 -11.91 -15.74
C ASN A 196 36.95 -11.69 -16.63
N ALA A 197 37.19 -10.44 -17.04
CA ALA A 197 38.29 -10.07 -17.94
C ALA A 197 39.19 -8.99 -17.33
N PRO A 198 40.03 -9.38 -16.35
CA PRO A 198 40.85 -8.46 -15.56
C PRO A 198 41.73 -7.50 -16.35
N GLU A 199 42.23 -7.95 -17.50
CA GLU A 199 43.19 -7.15 -18.25
C GLU A 199 42.49 -5.98 -18.95
N GLN A 200 41.26 -6.21 -19.40
CA GLN A 200 40.46 -5.15 -19.97
C GLN A 200 40.00 -4.17 -18.91
N ALA A 201 39.50 -4.73 -17.83
CA ALA A 201 39.08 -3.94 -16.69
C ALA A 201 40.16 -2.92 -16.37
N CYS A 202 41.37 -3.43 -16.12
CA CYS A 202 42.51 -2.61 -15.73
C CYS A 202 42.90 -1.61 -16.80
N HIS A 203 42.95 -2.07 -18.06
CA HIS A 203 43.36 -1.18 -19.14
C HIS A 203 42.44 0.02 -19.18
N LEU A 204 41.14 -0.26 -19.12
CA LEU A 204 40.10 0.78 -19.18
C LEU A 204 40.22 1.74 -18.00
N ALA A 205 40.31 1.19 -16.80
CA ALA A 205 40.45 2.02 -15.62
C ALA A 205 41.71 2.88 -15.71
N LYS A 206 42.82 2.23 -16.04
CA LYS A 206 44.09 2.93 -16.16
C LYS A 206 44.04 4.05 -17.21
N THR A 207 43.60 3.70 -18.43
CA THR A 207 43.50 4.66 -19.52
C THR A 207 42.69 5.88 -19.09
N ALA A 208 41.54 5.63 -18.48
CA ALA A 208 40.65 6.71 -18.11
C ALA A 208 41.22 7.57 -17.02
N PHE A 209 41.99 6.96 -16.12
CA PHE A 209 42.71 7.66 -15.03
C PHE A 209 43.81 8.55 -15.59
N ASP A 210 44.64 7.96 -16.44
CA ASP A 210 45.74 8.66 -17.07
C ASP A 210 45.28 9.86 -17.88
N ASP A 211 44.25 9.64 -18.69
CA ASP A 211 43.67 10.69 -19.52
C ASP A 211 43.14 11.85 -18.69
N ALA A 212 42.69 11.55 -17.47
CA ALA A 212 42.16 12.56 -16.55
C ALA A 212 43.29 13.35 -15.90
N ILE A 213 44.34 12.62 -15.52
CA ILE A 213 45.51 13.23 -14.94
C ILE A 213 46.16 14.27 -15.89
N ALA A 214 46.26 13.90 -17.15
CA ALA A 214 46.74 14.81 -18.18
C ALA A 214 46.08 16.19 -18.13
N GLU A 215 44.74 16.21 -18.02
CA GLU A 215 43.99 17.47 -18.01
C GLU A 215 43.81 18.04 -16.60
N LEU A 216 44.40 17.42 -15.59
CA LEU A 216 44.14 17.79 -14.21
C LEU A 216 44.70 19.16 -13.85
N ASP A 217 45.76 19.56 -14.56
CA ASP A 217 46.41 20.89 -14.40
C ASP A 217 45.44 22.05 -14.26
N THR A 218 44.53 22.17 -15.21
CA THR A 218 43.67 23.31 -15.33
C THR A 218 42.25 22.94 -15.03
N LEU A 219 42.05 22.35 -13.86
CA LEU A 219 40.72 22.11 -13.36
C LEU A 219 40.32 23.23 -12.39
N ASN A 220 39.09 23.72 -12.55
CA ASN A 220 38.46 24.60 -11.57
C ASN A 220 38.56 23.93 -10.19
N GLU A 221 38.55 24.72 -9.12
CA GLU A 221 38.57 24.15 -7.77
C GLU A 221 37.23 23.48 -7.39
N ASP A 222 36.16 23.82 -8.11
CA ASP A 222 34.84 23.22 -7.90
C ASP A 222 34.85 21.79 -8.45
N SER A 223 35.18 21.65 -9.75
CA SER A 223 35.22 20.35 -10.43
C SER A 223 36.40 19.47 -10.01
N TYR A 224 37.43 20.09 -9.44
CA TYR A 224 38.58 19.33 -8.96
C TYR A 224 38.23 18.33 -7.82
N LYS A 225 37.38 18.76 -6.90
CA LYS A 225 36.86 17.88 -5.84
C LYS A 225 36.01 16.76 -6.42
N ASP A 226 35.20 17.07 -7.45
CA ASP A 226 34.25 16.11 -8.02
C ASP A 226 34.94 14.97 -8.77
N SER A 227 36.04 15.31 -9.46
CA SER A 227 36.75 14.37 -10.35
C SER A 227 37.73 13.48 -9.59
N THR A 228 38.48 14.09 -8.68
CA THR A 228 39.42 13.33 -7.84
C THR A 228 38.73 12.26 -6.99
N LEU A 229 37.52 12.56 -6.51
CA LEU A 229 36.74 11.62 -5.74
C LEU A 229 36.56 10.31 -6.50
N ILE A 230 36.17 10.43 -7.77
CA ILE A 230 35.95 9.27 -8.62
C ILE A 230 37.28 8.65 -9.05
N MET A 231 38.27 9.48 -9.34
CA MET A 231 39.60 8.99 -9.73
C MET A 231 40.30 8.14 -8.67
N GLN A 232 40.03 8.45 -7.40
CA GLN A 232 40.45 7.63 -6.27
C GLN A 232 39.92 6.23 -6.47
N LEU A 233 38.62 6.12 -6.70
CA LEU A 233 37.99 4.81 -6.79
C LEU A 233 38.53 4.03 -7.97
N LEU A 234 38.84 4.70 -9.07
CA LEU A 234 39.46 4.02 -10.18
C LEU A 234 40.78 3.41 -9.69
N ARG A 235 41.53 4.22 -8.96
CA ARG A 235 42.84 3.81 -8.50
C ARG A 235 42.76 2.68 -7.48
N ASP A 236 41.86 2.84 -6.52
CA ASP A 236 41.66 1.82 -5.50
C ASP A 236 41.40 0.48 -6.16
N ASN A 237 40.49 0.46 -7.12
CA ASN A 237 40.17 -0.77 -7.85
C ASN A 237 41.40 -1.33 -8.53
N LEU A 238 42.10 -0.49 -9.29
CA LEU A 238 43.30 -0.89 -10.00
C LEU A 238 44.33 -1.52 -9.06
N THR A 239 44.58 -0.85 -7.93
CA THR A 239 45.49 -1.36 -6.91
C THR A 239 45.05 -2.73 -6.48
N LEU A 240 43.78 -2.86 -6.13
CA LEU A 240 43.20 -4.13 -5.70
C LEU A 240 43.30 -5.20 -6.76
N TRP A 241 43.07 -4.85 -8.02
CA TRP A 241 43.09 -5.80 -9.14
C TRP A 241 44.51 -6.25 -9.51
N THR A 242 45.51 -5.39 -9.27
CA THR A 242 46.89 -5.71 -9.66
C THR A 242 47.67 -6.20 -8.46
N SER A 243 47.16 -7.25 -7.83
CA SER A 243 47.63 -7.68 -6.50
C SER A 243 47.51 -9.19 -6.25
N ASP A 244 48.22 -10.00 -7.04
CA ASP A 244 48.22 -11.47 -6.80
C ASP A 244 49.41 -12.22 -7.44
N ALA B 5 8.06 -25.91 -5.27
CA ALA B 5 8.04 -25.09 -4.02
C ALA B 5 8.50 -23.65 -4.31
N SER B 6 8.02 -22.71 -3.48
CA SER B 6 8.23 -21.28 -3.67
C SER B 6 7.63 -20.49 -2.50
N VAL B 7 8.34 -20.50 -1.38
CA VAL B 7 8.00 -19.73 -0.15
C VAL B 7 6.47 -19.69 0.21
N GLY B 8 5.73 -20.73 -0.18
CA GLY B 8 4.48 -21.13 0.51
C GLY B 8 4.86 -22.25 1.49
N LEU B 9 6.01 -22.08 2.16
CA LEU B 9 6.64 -23.04 3.10
C LEU B 9 6.22 -22.64 4.57
N VAL B 10 5.30 -23.41 5.19
CA VAL B 10 4.51 -22.94 6.36
C VAL B 10 4.74 -23.58 7.76
N ASP B 11 5.44 -24.72 7.89
CA ASP B 11 5.51 -25.36 9.22
C ASP B 11 6.41 -24.57 10.24
N ARG B 12 6.26 -24.86 11.55
CA ARG B 12 6.75 -23.91 12.54
C ARG B 12 8.23 -23.68 12.44
N GLU B 13 9.02 -24.75 12.32
CA GLU B 13 10.47 -24.60 12.22
C GLU B 13 10.88 -23.82 10.95
N GLN B 14 10.19 -24.09 9.86
CA GLN B 14 10.43 -23.34 8.62
C GLN B 14 10.23 -21.83 8.79
N LEU B 15 9.18 -21.47 9.54
CA LEU B 15 8.83 -20.06 9.69
C LEU B 15 9.89 -19.34 10.48
N VAL B 16 10.32 -19.94 11.58
CA VAL B 16 11.40 -19.35 12.39
C VAL B 16 12.68 -19.26 11.58
N GLN B 17 12.91 -20.25 10.72
CA GLN B 17 14.07 -20.24 9.81
C GLN B 17 14.00 -19.11 8.76
N LYS B 18 12.79 -18.84 8.26
CA LYS B 18 12.57 -17.71 7.35
C LYS B 18 12.82 -16.42 8.09
N ALA B 19 12.38 -16.37 9.34
CA ALA B 19 12.61 -15.20 10.15
C ALA B 19 14.09 -14.91 10.30
N ARG B 20 14.86 -15.97 10.54
CA ARG B 20 16.32 -15.83 10.72
C ARG B 20 16.96 -15.36 9.44
N LEU B 21 16.52 -15.92 8.32
CA LEU B 21 17.03 -15.53 7.03
C LEU B 21 16.77 -14.06 6.77
N ALA B 22 15.49 -13.71 6.85
CA ALA B 22 15.02 -12.34 6.65
C ALA B 22 15.83 -11.35 7.51
N GLU B 23 16.11 -11.72 8.74
CA GLU B 23 16.88 -10.85 9.62
C GLU B 23 18.29 -10.57 9.08
N GLN B 24 18.92 -11.56 8.50
CA GLN B 24 20.26 -11.38 7.97
C GLN B 24 20.23 -10.58 6.69
N ALA B 25 19.15 -10.74 5.92
CA ALA B 25 18.90 -9.93 4.74
C ALA B 25 18.36 -8.52 5.06
N GLU B 26 18.20 -8.21 6.34
CA GLU B 26 17.65 -6.93 6.78
C GLU B 26 16.31 -6.63 6.08
N ARG B 27 15.47 -7.65 5.97
CA ARG B 27 14.16 -7.55 5.41
C ARG B 27 13.16 -7.76 6.54
N TYR B 28 12.99 -6.70 7.34
CA TYR B 28 12.24 -6.80 8.58
C TYR B 28 10.75 -6.97 8.39
N ASP B 29 10.21 -6.47 7.29
CA ASP B 29 8.80 -6.68 7.00
C ASP B 29 8.53 -8.19 6.91
N ASP B 30 9.31 -8.86 6.05
CA ASP B 30 9.27 -10.33 5.91
C ASP B 30 9.44 -11.00 7.27
N MET B 31 10.44 -10.54 8.01
CA MET B 31 10.76 -11.11 9.30
C MET B 31 9.57 -11.02 10.26
N ALA B 32 8.98 -9.84 10.33
CA ALA B 32 7.81 -9.63 11.19
C ALA B 32 6.67 -10.57 10.82
N ALA B 33 6.41 -10.70 9.52
CA ALA B 33 5.33 -11.56 9.02
C ALA B 33 5.54 -13.03 9.35
N ALA B 34 6.79 -13.48 9.34
CA ALA B 34 7.09 -14.85 9.71
C ALA B 34 6.79 -15.04 11.18
N MET B 35 7.36 -14.17 12.02
CA MET B 35 7.21 -14.29 13.46
C MET B 35 5.77 -14.10 13.94
N LYS B 36 5.03 -13.26 13.23
CA LYS B 36 3.60 -13.14 13.47
C LYS B 36 2.87 -14.47 13.25
N ASN B 37 3.27 -15.16 12.18
CA ASN B 37 2.76 -16.46 11.84
C ASN B 37 3.10 -17.50 12.94
N VAL B 38 4.37 -17.50 13.39
CA VAL B 38 4.80 -18.37 14.47
C VAL B 38 3.94 -18.11 15.70
N THR B 39 3.81 -16.84 16.05
CA THR B 39 2.99 -16.47 17.19
C THR B 39 1.55 -17.00 17.07
N GLU B 40 0.98 -16.90 15.88
CA GLU B 40 -0.40 -17.28 15.67
C GLU B 40 -0.64 -18.79 15.77
N LEU B 41 0.42 -19.59 15.83
CA LEU B 41 0.26 -21.03 16.06
C LEU B 41 -0.11 -21.30 17.51
N ASN B 42 -0.02 -20.26 18.34
CA ASN B 42 -0.57 -20.26 19.68
C ASN B 42 0.22 -21.05 20.69
N GLU B 43 1.48 -21.35 20.39
CA GLU B 43 2.35 -22.00 21.35
C GLU B 43 3.32 -20.98 21.88
N PRO B 44 3.93 -21.27 23.04
CA PRO B 44 4.86 -20.30 23.61
C PRO B 44 6.07 -20.08 22.72
N LEU B 45 6.74 -18.96 22.92
CA LEU B 45 7.95 -18.63 22.16
C LEU B 45 9.20 -18.88 23.01
N SER B 46 10.21 -19.51 22.43
CA SER B 46 11.51 -19.65 23.09
C SER B 46 12.15 -18.28 23.27
N ASN B 47 13.25 -18.21 24.01
CA ASN B 47 13.97 -16.95 24.17
C ASN B 47 14.41 -16.38 22.84
N GLU B 48 14.94 -17.23 21.96
CA GLU B 48 15.41 -16.79 20.66
C GLU B 48 14.23 -16.25 19.86
N GLU B 49 13.13 -17.00 19.88
CA GLU B 49 11.93 -16.67 19.10
C GLU B 49 11.32 -15.35 19.55
N ARG B 50 11.19 -15.18 20.86
CA ARG B 50 10.79 -13.90 21.43
C ARG B 50 11.59 -12.72 20.86
N ASN B 51 12.91 -12.87 20.81
CA ASN B 51 13.76 -11.79 20.35
C ASN B 51 13.61 -11.53 18.87
N LEU B 52 13.42 -12.59 18.08
CA LEU B 52 13.19 -12.43 16.66
C LEU B 52 11.94 -11.57 16.44
N LEU B 53 10.86 -11.89 17.13
CA LEU B 53 9.65 -11.08 17.06
C LEU B 53 9.94 -9.65 17.47
N SER B 54 10.57 -9.49 18.63
CA SER B 54 10.86 -8.18 19.15
C SER B 54 11.67 -7.39 18.17
N VAL B 55 12.67 -8.04 17.57
CA VAL B 55 13.61 -7.37 16.66
C VAL B 55 12.93 -6.96 15.34
N ALA B 56 12.12 -7.87 14.80
CA ALA B 56 11.41 -7.59 13.55
C ALA B 56 10.58 -6.34 13.70
N TYR B 57 9.66 -6.36 14.66
CA TYR B 57 8.74 -5.23 14.81
C TYR B 57 9.42 -3.96 15.28
N LYS B 58 10.50 -4.07 16.02
CA LYS B 58 11.23 -2.89 16.47
C LYS B 58 11.81 -2.15 15.29
N ASN B 59 12.45 -2.90 14.38
CA ASN B 59 12.98 -2.38 13.11
C ASN B 59 11.92 -1.86 12.16
N VAL B 60 10.80 -2.54 12.05
CA VAL B 60 9.76 -2.10 11.13
C VAL B 60 9.23 -0.77 11.62
N VAL B 61 8.78 -0.71 12.87
CA VAL B 61 8.24 0.53 13.42
C VAL B 61 9.35 1.61 13.53
N GLY B 62 10.60 1.19 13.69
CA GLY B 62 11.67 2.15 13.89
C GLY B 62 12.04 2.93 12.66
N ALA B 63 11.87 2.30 11.52
CA ALA B 63 12.03 2.98 10.25
C ALA B 63 10.98 4.12 10.16
N ARG B 64 9.74 3.84 10.59
CA ARG B 64 8.69 4.82 10.48
C ARG B 64 8.77 5.90 11.53
N ARG B 65 9.26 5.57 12.72
CA ARG B 65 9.57 6.61 13.71
C ARG B 65 10.61 7.54 13.14
N SER B 66 11.69 6.97 12.60
CA SER B 66 12.76 7.79 12.09
C SER B 66 12.26 8.69 10.97
N SER B 67 11.43 8.16 10.08
CA SER B 67 10.88 8.98 9.02
C SER B 67 9.99 10.05 9.59
N TRP B 68 9.08 9.64 10.45
CA TRP B 68 8.15 10.57 11.07
C TRP B 68 8.87 11.76 11.70
N ARG B 69 10.02 11.53 12.33
CA ARG B 69 10.73 12.60 13.03
C ARG B 69 11.29 13.60 12.05
N VAL B 70 11.91 13.09 10.99
CA VAL B 70 12.50 13.94 9.92
C VAL B 70 11.44 14.81 9.25
N ILE B 71 10.24 14.27 9.08
CA ILE B 71 9.18 15.04 8.47
C ILE B 71 8.48 15.98 9.42
N SER B 72 8.16 15.53 10.64
CA SER B 72 7.64 16.44 11.68
C SER B 72 8.54 17.68 11.82
N SER B 73 9.85 17.48 11.85
CA SER B 73 10.79 18.60 11.99
C SER B 73 10.76 19.52 10.77
N ILE B 74 10.69 18.94 9.58
CA ILE B 74 10.54 19.73 8.34
C ILE B 74 9.22 20.50 8.33
N GLU B 75 8.19 19.94 8.94
CA GLU B 75 6.90 20.62 9.01
C GLU B 75 6.91 21.89 9.86
N GLN B 76 7.85 21.99 10.79
CA GLN B 76 7.89 23.09 11.76
C GLN B 76 8.67 24.29 11.23
N LYS B 77 9.77 24.08 10.50
CA LYS B 77 10.46 25.20 9.83
C LYS B 77 9.64 25.65 8.62
N THR B 78 8.89 24.72 8.04
CA THR B 78 8.10 24.98 6.83
C THR B 78 6.88 25.85 7.12
N SER B 79 6.20 25.59 8.23
CA SER B 79 5.00 26.34 8.56
C SER B 79 5.29 27.81 8.84
N ALA B 80 6.51 28.11 9.33
CA ALA B 80 6.97 29.48 9.57
C ALA B 80 7.07 30.32 8.28
N ASP B 81 7.34 29.65 7.14
CA ASP B 81 7.47 30.33 5.83
C ASP B 81 6.15 30.58 5.12
N GLY B 82 5.09 29.94 5.61
CA GLY B 82 3.73 30.18 5.12
C GLY B 82 3.53 29.99 3.62
N ASN B 83 3.71 28.76 3.15
CA ASN B 83 3.35 28.37 1.78
C ASN B 83 2.27 27.27 1.85
N GLU B 84 1.08 27.56 1.34
CA GLU B 84 -0.09 26.65 1.51
C GLU B 84 0.14 25.27 0.92
N LYS B 85 0.59 25.29 -0.32
CA LYS B 85 0.78 24.09 -1.13
C LYS B 85 1.78 23.14 -0.47
N LYS B 86 2.85 23.71 0.07
CA LYS B 86 3.88 22.92 0.78
C LYS B 86 3.42 22.47 2.15
N ILE B 87 2.74 23.35 2.88
CA ILE B 87 2.23 23.02 4.23
C ILE B 87 1.26 21.85 4.14
N GLU B 88 0.43 21.85 3.10
CA GLU B 88 -0.54 20.77 2.91
C GLU B 88 0.16 19.45 2.59
N MET B 89 0.96 19.47 1.53
CA MET B 89 1.78 18.31 1.09
C MET B 89 2.54 17.61 2.23
N VAL B 90 3.26 18.39 3.03
CA VAL B 90 4.05 17.87 4.14
C VAL B 90 3.10 17.26 5.15
N ARG B 91 2.05 17.99 5.50
CA ARG B 91 1.08 17.51 6.46
C ARG B 91 0.60 16.15 6.00
N ALA B 92 0.22 16.06 4.75
CA ALA B 92 -0.36 14.83 4.21
C ALA B 92 0.59 13.65 4.25
N TYR B 93 1.88 13.91 3.97
CA TYR B 93 2.88 12.88 3.94
C TYR B 93 3.21 12.44 5.36
N ARG B 94 3.22 13.38 6.32
CA ARG B 94 3.41 13.04 7.72
C ARG B 94 2.29 12.12 8.15
N GLU B 95 1.07 12.47 7.81
CA GLU B 95 -0.07 11.62 8.12
C GLU B 95 0.09 10.23 7.55
N LYS B 96 0.61 10.15 6.33
CA LYS B 96 0.71 8.88 5.67
C LYS B 96 1.62 7.96 6.47
N ILE B 97 2.77 8.48 6.85
CA ILE B 97 3.69 7.77 7.74
C ILE B 97 3.07 7.44 9.09
N GLU B 98 2.33 8.36 9.68
CA GLU B 98 1.67 8.08 10.93
C GLU B 98 0.82 6.84 10.85
N LYS B 99 -0.02 6.76 9.83
CA LYS B 99 -0.96 5.63 9.68
C LYS B 99 -0.30 4.30 9.51
N GLU B 100 0.82 4.28 8.78
CA GLU B 100 1.68 3.10 8.71
C GLU B 100 2.21 2.71 10.05
N LEU B 101 2.72 3.70 10.79
CA LEU B 101 3.33 3.48 12.10
C LEU B 101 2.34 2.93 13.07
N GLU B 102 1.12 3.45 13.03
CA GLU B 102 0.08 3.01 13.98
C GLU B 102 -0.41 1.61 13.63
N ALA B 103 -0.55 1.34 12.34
CA ALA B 103 -0.96 0.02 11.89
C ALA B 103 0.00 -1.07 12.41
N VAL B 104 1.31 -0.81 12.33
CA VAL B 104 2.30 -1.75 12.83
C VAL B 104 2.13 -1.91 14.33
N CYS B 105 1.90 -0.80 15.00
CA CYS B 105 1.76 -0.83 16.45
C CYS B 105 0.55 -1.67 16.87
N GLN B 106 -0.59 -1.57 16.19
CA GLN B 106 -1.76 -2.40 16.50
C GLN B 106 -1.46 -3.87 16.26
N ASP B 107 -0.73 -4.13 15.19
CA ASP B 107 -0.41 -5.49 14.79
C ASP B 107 0.28 -6.20 15.93
N VAL B 108 1.34 -5.59 16.44
CA VAL B 108 2.08 -6.13 17.59
C VAL B 108 1.21 -6.22 18.83
N LEU B 109 0.59 -5.09 19.18
CA LEU B 109 -0.21 -5.00 20.39
C LEU B 109 -1.31 -6.04 20.42
N SER B 110 -1.85 -6.36 19.25
CA SER B 110 -2.86 -7.38 19.15
C SER B 110 -2.27 -8.76 19.46
N LEU B 111 -1.10 -9.04 18.92
CA LEU B 111 -0.40 -10.30 19.23
C LEU B 111 -0.13 -10.40 20.73
N LEU B 112 0.37 -9.33 21.31
CA LEU B 112 0.63 -9.28 22.75
C LEU B 112 -0.64 -9.58 23.55
N ASP B 113 -1.72 -8.85 23.30
CA ASP B 113 -2.95 -9.02 24.10
C ASP B 113 -3.63 -10.38 23.89
N ASN B 114 -3.65 -10.84 22.65
CA ASN B 114 -4.47 -11.99 22.29
C ASN B 114 -3.74 -13.32 22.14
N TYR B 115 -2.40 -13.29 22.18
CA TYR B 115 -1.59 -14.51 22.15
C TYR B 115 -0.55 -14.55 23.27
N LEU B 116 0.40 -13.63 23.23
CA LEU B 116 1.63 -13.80 23.98
C LEU B 116 1.42 -13.65 25.48
N ILE B 117 0.84 -12.52 25.88
CA ILE B 117 0.51 -12.25 27.29
C ILE B 117 -0.58 -13.21 27.79
N LYS B 118 -1.65 -13.33 27.01
CA LYS B 118 -2.73 -14.24 27.37
C LYS B 118 -2.23 -15.63 27.80
N ASN B 119 -1.31 -16.22 27.02
CA ASN B 119 -0.87 -17.60 27.24
C ASN B 119 0.35 -17.70 28.16
N CYS B 120 0.50 -16.74 29.06
CA CYS B 120 1.52 -16.81 30.09
C CYS B 120 0.90 -17.40 31.35
N SER B 121 1.50 -18.47 31.85
CA SER B 121 1.07 -19.08 33.11
C SER B 121 1.59 -18.23 34.24
N GLU B 122 0.92 -18.26 35.37
CA GLU B 122 1.19 -17.35 36.47
C GLU B 122 2.64 -17.20 36.90
N THR B 123 3.43 -18.26 36.70
CA THR B 123 4.84 -18.28 37.14
C THR B 123 5.88 -18.08 36.02
N GLN B 124 5.42 -17.74 34.81
CA GLN B 124 6.33 -17.39 33.71
C GLN B 124 6.56 -15.89 33.76
N TYR B 125 7.24 -15.45 34.81
CA TYR B 125 7.42 -14.04 35.11
C TYR B 125 8.29 -13.36 34.09
N GLU B 126 9.30 -14.06 33.60
CA GLU B 126 10.24 -13.49 32.65
C GLU B 126 9.50 -13.12 31.37
N SER B 127 8.70 -14.04 30.85
CA SER B 127 7.93 -13.77 29.65
C SER B 127 6.91 -12.65 29.87
N LYS B 128 6.08 -12.77 30.90
CA LYS B 128 5.11 -11.71 31.19
C LYS B 128 5.76 -10.32 31.29
N VAL B 129 6.96 -10.22 31.81
CA VAL B 129 7.63 -8.92 31.89
C VAL B 129 8.09 -8.45 30.51
N PHE B 130 8.74 -9.34 29.77
CA PHE B 130 9.19 -9.00 28.42
C PHE B 130 7.99 -8.45 27.68
N TYR B 131 6.93 -9.25 27.61
CA TYR B 131 5.80 -8.88 26.82
C TYR B 131 5.11 -7.59 27.29
N LEU B 132 5.06 -7.35 28.60
CA LEU B 132 4.43 -6.13 29.10
C LEU B 132 5.28 -4.89 28.81
N LYS B 133 6.58 -5.01 28.94
CA LYS B 133 7.49 -3.94 28.53
C LYS B 133 7.27 -3.59 27.05
N MET B 134 7.17 -4.63 26.23
CA MET B 134 6.96 -4.49 24.81
C MET B 134 5.68 -3.71 24.58
N LYS B 135 4.64 -4.09 25.31
CA LYS B 135 3.33 -3.44 25.21
C LYS B 135 3.43 -1.96 25.59
N GLY B 136 4.21 -1.68 26.63
CA GLY B 136 4.47 -0.31 27.02
C GLY B 136 5.24 0.46 25.97
N ASP B 137 6.24 -0.20 25.35
CA ASP B 137 7.04 0.40 24.26
C ASP B 137 6.18 0.85 23.08
N TYR B 138 5.28 -0.05 22.63
CA TYR B 138 4.50 0.22 21.44
C TYR B 138 3.39 1.23 21.69
N TYR B 139 2.82 1.26 22.89
CA TYR B 139 1.86 2.33 23.24
C TYR B 139 2.61 3.64 23.40
N ARG B 140 3.86 3.56 23.85
CA ARG B 140 4.71 4.74 23.89
C ARG B 140 4.95 5.29 22.47
N TYR B 141 5.26 4.39 21.52
CA TYR B 141 5.51 4.81 20.15
C TYR B 141 4.29 5.51 19.54
N LEU B 142 3.08 5.03 19.88
CA LEU B 142 1.84 5.70 19.47
C LEU B 142 1.75 7.08 20.09
N ALA B 143 2.19 7.21 21.33
CA ALA B 143 2.10 8.47 22.04
C ALA B 143 2.99 9.53 21.43
N GLU B 144 4.13 9.11 20.90
CA GLU B 144 5.04 10.04 20.22
C GLU B 144 4.34 10.83 19.10
N VAL B 145 3.33 10.22 18.48
CA VAL B 145 2.68 10.81 17.31
C VAL B 145 1.23 11.19 17.52
N ALA B 146 0.71 10.91 18.71
CA ALA B 146 -0.67 11.21 19.02
C ALA B 146 -0.76 12.61 19.55
N THR B 147 -1.98 13.16 19.53
CA THR B 147 -2.28 14.45 20.16
C THR B 147 -3.67 14.39 20.73
N GLY B 148 -3.95 15.27 21.69
CA GLY B 148 -5.30 15.40 22.26
C GLY B 148 -5.71 14.22 23.10
N GLU B 149 -7.01 13.91 23.09
CA GLU B 149 -7.57 12.77 23.84
C GLU B 149 -6.96 11.44 23.41
N LYS B 150 -6.65 11.28 22.12
CA LYS B 150 -6.02 10.05 21.66
C LYS B 150 -4.70 9.80 22.38
N ARG B 151 -3.89 10.85 22.49
CA ARG B 151 -2.63 10.77 23.18
C ARG B 151 -2.81 10.35 24.64
N ALA B 152 -3.70 11.05 25.34
CA ALA B 152 -3.97 10.75 26.74
C ALA B 152 -4.31 9.28 26.98
N THR B 153 -5.09 8.69 26.08
CA THR B 153 -5.49 7.30 26.20
C THR B 153 -4.31 6.33 26.08
N VAL B 154 -3.47 6.49 25.06
CA VAL B 154 -2.34 5.57 24.84
C VAL B 154 -1.23 5.80 25.86
N VAL B 155 -1.13 7.02 26.37
CA VAL B 155 -0.17 7.29 27.42
C VAL B 155 -0.56 6.51 28.65
N GLU B 156 -1.86 6.51 28.96
CA GLU B 156 -2.37 5.70 30.07
C GLU B 156 -2.08 4.21 29.84
N SER B 157 -2.35 3.74 28.63
CA SER B 157 -2.15 2.35 28.28
C SER B 157 -0.69 1.95 28.43
N SER B 158 0.21 2.86 28.08
CA SER B 158 1.66 2.62 28.25
C SER B 158 2.01 2.49 29.73
N GLU B 159 1.55 3.44 30.53
CA GLU B 159 1.80 3.43 31.98
C GLU B 159 1.34 2.13 32.63
N LYS B 160 0.14 1.68 32.32
CA LYS B 160 -0.38 0.41 32.89
C LYS B 160 0.51 -0.80 32.61
N ALA B 161 1.02 -0.88 31.39
CA ALA B 161 1.85 -2.01 30.98
C ALA B 161 3.25 -1.92 31.62
N TYR B 162 3.88 -0.76 31.50
CA TYR B 162 5.18 -0.52 32.14
C TYR B 162 5.12 -0.69 33.66
N SER B 163 4.02 -0.25 34.26
CA SER B 163 3.81 -0.35 35.71
C SER B 163 3.62 -1.80 36.16
N GLU B 164 2.75 -2.54 35.50
CA GLU B 164 2.56 -3.93 35.82
C GLU B 164 3.86 -4.71 35.63
N ALA B 165 4.60 -4.43 34.57
CA ALA B 165 5.86 -5.14 34.34
C ALA B 165 6.83 -4.86 35.47
N HIS B 166 6.77 -3.64 36.02
CA HIS B 166 7.64 -3.21 37.09
C HIS B 166 7.41 -4.00 38.37
N GLU B 167 6.14 -4.14 38.75
CA GLU B 167 5.75 -4.88 39.96
C GLU B 167 6.27 -6.29 39.85
N ILE B 168 5.94 -6.94 38.74
CA ILE B 168 6.30 -8.34 38.52
C ILE B 168 7.81 -8.53 38.52
N SER B 169 8.54 -7.64 37.84
CA SER B 169 10.01 -7.76 37.76
C SER B 169 10.67 -7.47 39.11
N LYS B 170 10.08 -6.57 39.91
CA LYS B 170 10.66 -6.21 41.22
C LYS B 170 10.68 -7.42 42.14
N GLU B 171 9.60 -8.20 42.15
CA GLU B 171 9.48 -9.33 43.05
C GLU B 171 10.22 -10.57 42.57
N HIS B 172 10.02 -10.94 41.31
CA HIS B 172 10.45 -12.27 40.85
C HIS B 172 11.68 -12.27 39.95
N MET B 173 12.31 -11.11 39.73
CA MET B 173 13.54 -11.05 38.94
C MET B 173 14.59 -10.25 39.66
N GLN B 174 15.86 -10.64 39.49
CA GLN B 174 16.93 -9.95 40.21
C GLN B 174 17.31 -8.67 39.46
N PRO B 175 17.90 -7.69 40.18
CA PRO B 175 18.09 -6.34 39.65
C PRO B 175 19.08 -6.23 38.51
N THR B 176 19.88 -7.27 38.31
CA THR B 176 20.90 -7.32 37.24
C THR B 176 20.41 -7.97 35.95
N HIS B 177 19.22 -8.56 36.00
CA HIS B 177 18.62 -9.19 34.82
C HIS B 177 18.45 -8.16 33.71
N PRO B 178 18.97 -8.47 32.49
CA PRO B 178 18.87 -7.53 31.36
C PRO B 178 17.46 -7.00 31.05
N ILE B 179 16.47 -7.87 31.22
CA ILE B 179 15.09 -7.50 30.97
C ILE B 179 14.62 -6.49 32.01
N ARG B 180 14.92 -6.71 33.29
CA ARG B 180 14.51 -5.76 34.32
C ARG B 180 15.22 -4.43 34.16
N LEU B 181 16.46 -4.46 33.71
CA LEU B 181 17.21 -3.24 33.45
C LEU B 181 16.67 -2.51 32.23
N GLY B 182 16.37 -3.27 31.17
CA GLY B 182 15.81 -2.72 29.95
C GLY B 182 14.47 -2.04 30.19
N LEU B 183 13.64 -2.68 31.02
CA LEU B 183 12.38 -2.10 31.46
C LEU B 183 12.60 -0.77 32.18
N ALA B 184 13.47 -0.76 33.17
CA ALA B 184 13.81 0.46 33.86
C ALA B 184 14.29 1.51 32.88
N LEU B 185 15.07 1.09 31.91
CA LEU B 185 15.62 2.02 30.92
C LEU B 185 14.50 2.64 30.13
N ASN B 186 13.62 1.82 29.56
CA ASN B 186 12.55 2.33 28.73
C ASN B 186 11.46 3.06 29.52
N TYR B 187 11.14 2.55 30.72
CA TYR B 187 10.16 3.18 31.60
C TYR B 187 10.66 4.58 32.04
N SER B 188 11.96 4.69 32.31
CA SER B 188 12.56 5.99 32.63
C SER B 188 12.41 6.95 31.46
N VAL B 189 12.64 6.45 30.25
CA VAL B 189 12.49 7.25 29.03
C VAL B 189 11.05 7.67 28.80
N PHE B 190 10.12 6.76 29.05
CA PHE B 190 8.69 7.08 29.02
C PHE B 190 8.42 8.29 29.90
N TYR B 191 8.90 8.23 31.14
CA TYR B 191 8.72 9.35 32.07
C TYR B 191 9.28 10.66 31.56
N TYR B 192 10.52 10.65 31.09
CA TYR B 192 11.14 11.87 30.60
C TYR B 192 10.49 12.43 29.33
N GLU B 193 10.27 11.59 28.31
CA GLU B 193 9.87 12.07 26.98
C GLU B 193 8.37 12.25 26.80
N ILE B 194 7.56 11.42 27.45
CA ILE B 194 6.11 11.42 27.21
C ILE B 194 5.35 12.10 28.34
N GLN B 195 5.71 11.79 29.56
CA GLN B 195 5.10 12.40 30.74
C GLN B 195 5.76 13.73 31.08
N ASN B 196 6.95 13.95 30.53
CA ASN B 196 7.72 15.15 30.83
C ASN B 196 7.92 15.31 32.35
N ALA B 197 8.37 14.23 33.00
CA ALA B 197 8.58 14.20 34.45
C ALA B 197 10.00 13.79 34.80
N PRO B 198 10.98 14.70 34.66
CA PRO B 198 12.42 14.43 34.79
C PRO B 198 12.88 13.81 36.11
N GLU B 199 12.19 14.18 37.19
CA GLU B 199 12.60 13.75 38.51
C GLU B 199 12.27 12.27 38.75
N GLN B 200 11.14 11.83 38.21
CA GLN B 200 10.79 10.41 38.26
C GLN B 200 11.69 9.60 37.35
N ALA B 201 11.88 10.11 36.13
CA ALA B 201 12.74 9.46 35.15
C ALA B 201 14.07 9.13 35.81
N CYS B 202 14.69 10.16 36.38
CA CYS B 202 16.00 10.02 37.02
C CYS B 202 15.98 9.08 38.21
N HIS B 203 14.97 9.23 39.06
CA HIS B 203 14.88 8.39 40.24
C HIS B 203 14.86 6.93 39.84
N LEU B 204 13.98 6.60 38.91
CA LEU B 204 13.81 5.23 38.44
C LEU B 204 15.09 4.69 37.83
N ALA B 205 15.71 5.47 36.95
CA ALA B 205 16.97 5.05 36.33
C ALA B 205 18.06 4.84 37.37
N LYS B 206 18.20 5.81 38.27
CA LYS B 206 19.19 5.76 39.36
C LYS B 206 18.97 4.57 40.30
N THR B 207 17.73 4.42 40.78
CA THR B 207 17.36 3.33 41.65
C THR B 207 17.71 1.99 41.03
N ALA B 208 17.35 1.80 39.77
CA ALA B 208 17.58 0.54 39.07
C ALA B 208 19.06 0.27 38.80
N PHE B 209 19.82 1.34 38.56
CA PHE B 209 21.26 1.27 38.39
C PHE B 209 21.93 0.86 39.69
N ASP B 210 21.62 1.60 40.76
CA ASP B 210 22.18 1.33 42.09
C ASP B 210 21.90 -0.09 42.55
N ASP B 211 20.65 -0.52 42.42
CA ASP B 211 20.22 -1.90 42.77
C ASP B 211 21.01 -2.97 42.00
N ALA B 212 21.43 -2.65 40.79
CA ALA B 212 22.18 -3.56 39.94
C ALA B 212 23.63 -3.61 40.36
N ILE B 213 24.16 -2.44 40.68
CA ILE B 213 25.53 -2.31 41.17
C ILE B 213 25.73 -3.14 42.43
N ALA B 214 24.78 -3.07 43.37
CA ALA B 214 24.80 -3.86 44.61
C ALA B 214 25.06 -5.36 44.38
N GLU B 215 24.37 -5.94 43.39
CA GLU B 215 24.51 -7.37 43.08
C GLU B 215 25.58 -7.65 42.04
N LEU B 216 26.30 -6.63 41.62
CA LEU B 216 27.26 -6.77 40.52
C LEU B 216 28.44 -7.67 40.90
N ASP B 217 28.78 -7.67 42.19
CA ASP B 217 29.88 -8.49 42.76
C ASP B 217 29.96 -9.90 42.18
N THR B 218 28.84 -10.60 42.28
CA THR B 218 28.75 -12.02 41.97
C THR B 218 27.92 -12.23 40.71
N LEU B 219 28.34 -11.58 39.63
CA LEU B 219 27.77 -11.84 38.32
C LEU B 219 28.70 -12.77 37.55
N ASN B 220 28.10 -13.78 36.91
CA ASN B 220 28.81 -14.61 35.95
C ASN B 220 29.48 -13.71 34.91
N GLU B 221 30.57 -14.18 34.30
CA GLU B 221 31.23 -13.38 33.25
C GLU B 221 30.44 -13.33 31.94
N ASP B 222 29.46 -14.23 31.79
CA ASP B 222 28.54 -14.24 30.66
C ASP B 222 27.51 -13.11 30.78
N SER B 223 26.78 -13.12 31.90
CA SER B 223 25.74 -12.11 32.18
C SER B 223 26.31 -10.73 32.52
N TYR B 224 27.58 -10.68 32.94
CA TYR B 224 28.25 -9.42 33.25
C TYR B 224 28.32 -8.49 32.03
N LYS B 225 28.63 -9.05 30.87
CA LYS B 225 28.64 -8.29 29.61
C LYS B 225 27.24 -7.79 29.20
N ASP B 226 26.23 -8.61 29.47
CA ASP B 226 24.85 -8.29 29.08
C ASP B 226 24.23 -7.16 29.89
N SER B 227 24.53 -7.13 31.18
CA SER B 227 23.93 -6.18 32.11
C SER B 227 24.62 -4.82 32.03
N THR B 228 25.94 -4.82 32.04
CA THR B 228 26.73 -3.58 31.99
C THR B 228 26.43 -2.74 30.74
N LEU B 229 26.18 -3.43 29.63
CA LEU B 229 25.81 -2.80 28.38
C LEU B 229 24.59 -1.89 28.61
N ILE B 230 23.57 -2.44 29.25
CA ILE B 230 22.32 -1.73 29.51
C ILE B 230 22.54 -0.69 30.60
N MET B 231 23.32 -1.04 31.63
CA MET B 231 23.62 -0.12 32.75
C MET B 231 24.35 1.15 32.30
N GLN B 232 25.18 1.02 31.28
CA GLN B 232 25.80 2.18 30.63
C GLN B 232 24.75 3.14 30.13
N LEU B 233 23.77 2.61 29.41
CA LEU B 233 22.74 3.45 28.84
C LEU B 233 21.96 4.18 29.93
N LEU B 234 21.66 3.46 31.02
CA LEU B 234 20.99 4.08 32.16
C LEU B 234 21.78 5.28 32.63
N ARG B 235 23.08 5.06 32.75
CA ARG B 235 23.95 6.10 33.23
C ARG B 235 24.06 7.25 32.24
N ASP B 236 24.25 6.92 30.97
CA ASP B 236 24.35 7.94 29.93
C ASP B 236 23.13 8.85 29.98
N ASN B 237 21.94 8.25 30.03
CA ASN B 237 20.72 9.03 30.14
C ASN B 237 20.75 9.93 31.37
N LEU B 238 21.04 9.35 32.53
CA LEU B 238 21.10 10.09 33.79
C LEU B 238 22.03 11.28 33.73
N THR B 239 23.22 11.05 33.21
CA THR B 239 24.20 12.11 33.01
C THR B 239 23.62 13.22 32.13
N LEU B 240 23.01 12.84 31.01
CA LEU B 240 22.38 13.79 30.10
C LEU B 240 21.24 14.57 30.76
N TRP B 241 20.43 13.87 31.55
CA TRP B 241 19.24 14.46 32.19
C TRP B 241 19.61 15.37 33.37
N THR B 242 20.75 15.13 34.00
CA THR B 242 21.21 15.94 35.11
C THR B 242 22.39 16.85 34.70
N SER B 243 22.59 17.09 33.40
CA SER B 243 23.62 18.05 32.94
C SER B 243 22.93 19.28 32.37
N ASP B 244 21.64 19.40 32.69
CA ASP B 244 20.86 20.58 32.39
C ASP B 244 19.75 20.69 33.44
N GLN B 245 20.14 20.63 34.71
CA GLN B 245 19.21 20.86 35.81
C GLN B 245 19.06 22.37 35.97
N GLN B 246 18.27 22.79 36.96
CA GLN B 246 18.04 24.20 37.23
C GLN B 246 19.34 25.02 37.16
N ASP B 247 19.50 25.75 36.05
CA ASP B 247 20.62 26.68 35.86
C ASP B 247 20.08 28.06 35.53
N GLY C 8 12.59 -9.30 -21.85
CA GLY C 8 12.78 -8.98 -20.41
C GLY C 8 12.73 -10.21 -19.51
N LEU C 9 13.52 -10.17 -18.41
CA LEU C 9 13.52 -11.19 -17.34
C LEU C 9 12.18 -11.35 -16.64
N VAL C 10 11.37 -10.30 -16.63
CA VAL C 10 10.02 -10.34 -16.04
C VAL C 10 9.05 -11.19 -16.86
N ASP C 11 8.20 -11.92 -16.14
CA ASP C 11 7.22 -12.78 -16.78
C ASP C 11 5.96 -11.98 -17.05
N ARG C 12 5.92 -11.47 -18.25
CA ARG C 12 4.77 -10.79 -18.80
C ARG C 12 3.47 -11.57 -18.65
N GLU C 13 3.55 -12.88 -18.77
CA GLU C 13 2.37 -13.71 -18.63
C GLU C 13 1.79 -13.65 -17.21
N GLN C 14 2.65 -13.63 -16.20
CA GLN C 14 2.22 -13.49 -14.81
C GLN C 14 1.42 -12.21 -14.64
N LEU C 15 1.88 -11.12 -15.24
CA LEU C 15 1.26 -9.82 -15.02
C LEU C 15 -0.15 -9.83 -15.58
N VAL C 16 -0.30 -10.35 -16.79
CA VAL C 16 -1.62 -10.46 -17.41
C VAL C 16 -2.53 -11.38 -16.60
N GLN C 17 -1.95 -12.41 -16.03
CA GLN C 17 -2.69 -13.30 -15.17
C GLN C 17 -3.18 -12.57 -13.92
N LYS C 18 -2.33 -11.72 -13.34
CA LYS C 18 -2.70 -10.96 -12.16
C LYS C 18 -3.81 -10.04 -12.53
N ALA C 19 -3.72 -9.47 -13.72
CA ALA C 19 -4.75 -8.58 -14.18
C ALA C 19 -6.09 -9.30 -14.25
N ARG C 20 -6.08 -10.53 -14.76
CA ARG C 20 -7.30 -11.32 -14.89
C ARG C 20 -7.85 -11.61 -13.53
N LEU C 21 -6.97 -11.93 -12.59
CA LEU C 21 -7.38 -12.24 -11.21
C LEU C 21 -8.06 -11.04 -10.57
N ALA C 22 -7.33 -9.94 -10.57
CA ALA C 22 -7.79 -8.67 -10.01
C ALA C 22 -9.14 -8.29 -10.57
N GLU C 23 -9.33 -8.50 -11.87
CA GLU C 23 -10.63 -8.23 -12.50
C GLU C 23 -11.78 -9.02 -11.87
N GLN C 24 -11.56 -10.30 -11.63
CA GLN C 24 -12.60 -11.12 -11.06
C GLN C 24 -12.84 -10.74 -9.60
N ALA C 25 -11.79 -10.30 -8.92
CA ALA C 25 -11.90 -9.79 -7.56
C ALA C 25 -12.44 -8.36 -7.51
N GLU C 26 -12.72 -7.76 -8.67
CA GLU C 26 -13.16 -6.37 -8.76
C GLU C 26 -12.23 -5.38 -8.05
N ARG C 27 -10.93 -5.62 -8.20
CA ARG C 27 -9.90 -4.80 -7.62
C ARG C 27 -9.17 -4.11 -8.76
N TYR C 28 -9.84 -3.06 -9.26
CA TYR C 28 -9.43 -2.43 -10.51
C TYR C 28 -8.13 -1.64 -10.38
N ASP C 29 -7.85 -1.13 -9.18
CA ASP C 29 -6.58 -0.43 -8.96
C ASP C 29 -5.42 -1.39 -9.26
N ASP C 30 -5.45 -2.56 -8.60
CA ASP C 30 -4.50 -3.64 -8.85
C ASP C 30 -4.43 -4.00 -10.34
N MET C 31 -5.61 -4.20 -10.92
CA MET C 31 -5.73 -4.54 -12.33
C MET C 31 -5.06 -3.52 -13.24
N ALA C 32 -5.34 -2.25 -13.00
CA ALA C 32 -4.74 -1.20 -13.79
C ALA C 32 -3.24 -1.25 -13.68
N ALA C 33 -2.75 -1.37 -12.45
CA ALA C 33 -1.30 -1.39 -12.20
C ALA C 33 -0.57 -2.54 -12.91
N ALA C 34 -1.23 -3.69 -13.02
CA ALA C 34 -0.68 -4.83 -13.73
C ALA C 34 -0.58 -4.52 -15.20
N MET C 35 -1.70 -4.10 -15.78
CA MET C 35 -1.75 -3.81 -17.22
C MET C 35 -0.91 -2.61 -17.64
N LYS C 36 -0.72 -1.66 -16.74
CA LYS C 36 0.28 -0.59 -16.94
C LYS C 36 1.69 -1.22 -17.06
N ASN C 37 1.98 -2.16 -16.18
CA ASN C 37 3.26 -2.83 -16.19
C ASN C 37 3.44 -3.58 -17.52
N VAL C 38 2.41 -4.31 -17.94
CA VAL C 38 2.44 -5.03 -19.21
C VAL C 38 2.73 -4.08 -20.36
N THR C 39 1.98 -2.99 -20.38
CA THR C 39 2.14 -1.97 -21.38
C THR C 39 3.58 -1.47 -21.42
N GLU C 40 4.16 -1.24 -20.23
CA GLU C 40 5.50 -0.66 -20.12
C GLU C 40 6.60 -1.60 -20.64
N LEU C 41 6.30 -2.88 -20.85
CA LEU C 41 7.27 -3.78 -21.46
C LEU C 41 7.47 -3.49 -22.95
N ASN C 42 6.63 -2.59 -23.47
CA ASN C 42 6.84 -1.98 -24.78
C ASN C 42 6.59 -2.90 -25.94
N GLU C 43 5.87 -4.00 -25.72
CA GLU C 43 5.44 -4.85 -26.81
C GLU C 43 3.96 -4.63 -27.07
N PRO C 44 3.47 -5.01 -28.26
CA PRO C 44 2.06 -4.78 -28.58
C PRO C 44 1.13 -5.59 -27.71
N LEU C 45 -0.11 -5.11 -27.57
CA LEU C 45 -1.10 -5.78 -26.73
C LEU C 45 -2.03 -6.59 -27.60
N SER C 46 -2.31 -7.83 -27.19
CA SER C 46 -3.32 -8.64 -27.85
C SER C 46 -4.70 -7.99 -27.66
N ASN C 47 -5.71 -8.50 -28.34
CA ASN C 47 -7.08 -8.02 -28.15
C ASN C 47 -7.56 -8.16 -26.71
N GLU C 48 -7.30 -9.32 -26.10
CA GLU C 48 -7.73 -9.53 -24.74
C GLU C 48 -7.03 -8.49 -23.88
N GLU C 49 -5.72 -8.37 -24.09
CA GLU C 49 -4.90 -7.54 -23.23
C GLU C 49 -5.37 -6.09 -23.33
N ARG C 50 -5.57 -5.63 -24.55
CA ARG C 50 -6.12 -4.28 -24.76
C ARG C 50 -7.35 -4.03 -23.91
N ASN C 51 -8.26 -4.98 -23.90
CA ASN C 51 -9.51 -4.81 -23.17
C ASN C 51 -9.30 -4.81 -21.66
N LEU C 52 -8.39 -5.63 -21.16
CA LEU C 52 -8.07 -5.64 -19.73
C LEU C 52 -7.62 -4.23 -19.30
N LEU C 53 -6.71 -3.63 -20.07
CA LEU C 53 -6.25 -2.27 -19.81
C LEU C 53 -7.42 -1.28 -19.84
N SER C 54 -8.20 -1.36 -20.91
CA SER C 54 -9.35 -0.49 -21.06
C SER C 54 -10.31 -0.63 -19.87
N VAL C 55 -10.60 -1.87 -19.52
CA VAL C 55 -11.57 -2.15 -18.47
C VAL C 55 -11.07 -1.67 -17.11
N ALA C 56 -9.78 -1.93 -16.83
CA ALA C 56 -9.17 -1.53 -15.55
C ALA C 56 -9.31 -0.04 -15.35
N TYR C 57 -8.77 0.73 -16.26
CA TYR C 57 -8.78 2.17 -16.12
C TYR C 57 -10.17 2.76 -16.25
N LYS C 58 -11.04 2.12 -17.02
CA LYS C 58 -12.41 2.62 -17.15
C LYS C 58 -13.09 2.57 -15.77
N ASN C 59 -12.98 1.41 -15.11
CA ASN C 59 -13.53 1.22 -13.77
C ASN C 59 -12.89 2.11 -12.71
N VAL C 60 -11.61 2.36 -12.82
CA VAL C 60 -10.90 3.18 -11.83
C VAL C 60 -11.39 4.61 -11.91
N VAL C 61 -11.28 5.18 -13.10
CA VAL C 61 -11.78 6.53 -13.32
C VAL C 61 -13.32 6.64 -13.15
N GLY C 62 -14.06 5.57 -13.47
CA GLY C 62 -15.51 5.58 -13.39
C GLY C 62 -16.03 5.70 -11.96
N ALA C 63 -15.32 5.09 -11.03
CA ALA C 63 -15.65 5.25 -9.62
C ALA C 63 -15.52 6.71 -9.19
N ARG C 64 -14.53 7.40 -9.75
CA ARG C 64 -14.33 8.80 -9.40
C ARG C 64 -15.26 9.74 -10.13
N ARG C 65 -15.64 9.41 -11.37
CA ARG C 65 -16.67 10.16 -12.06
C ARG C 65 -17.97 10.08 -11.27
N SER C 66 -18.35 8.87 -10.90
CA SER C 66 -19.59 8.68 -10.18
C SER C 66 -19.61 9.43 -8.86
N SER C 67 -18.49 9.40 -8.13
CA SER C 67 -18.39 10.17 -6.88
C SER C 67 -18.48 11.66 -7.16
N TRP C 68 -17.69 12.13 -8.12
CA TRP C 68 -17.66 13.53 -8.50
C TRP C 68 -19.04 14.08 -8.79
N ARG C 69 -19.87 13.29 -9.48
CA ARG C 69 -21.21 13.72 -9.87
C ARG C 69 -22.10 13.90 -8.66
N VAL C 70 -22.08 12.90 -7.77
CA VAL C 70 -22.86 12.95 -6.55
C VAL C 70 -22.49 14.15 -5.70
N ILE C 71 -21.20 14.50 -5.66
CA ILE C 71 -20.77 15.62 -4.85
C ILE C 71 -20.98 16.96 -5.54
N SER C 72 -20.66 17.07 -6.83
CA SER C 72 -21.03 18.26 -7.61
C SER C 72 -22.49 18.64 -7.44
N SER C 73 -23.39 17.65 -7.52
CA SER C 73 -24.81 17.89 -7.35
C SER C 73 -25.16 18.34 -5.92
N ILE C 74 -24.56 17.73 -4.91
CA ILE C 74 -24.75 18.19 -3.53
C ILE C 74 -24.24 19.62 -3.34
N GLU C 75 -23.20 19.99 -4.08
CA GLU C 75 -22.63 21.33 -3.97
C GLU C 75 -23.58 22.42 -4.45
N GLN C 76 -24.52 22.06 -5.33
CA GLN C 76 -25.37 23.04 -5.98
C GLN C 76 -26.64 23.31 -5.17
N LYS C 77 -27.21 22.30 -4.51
CA LYS C 77 -28.32 22.56 -3.57
C LYS C 77 -27.78 23.15 -2.27
N THR C 78 -26.52 22.85 -1.96
CA THR C 78 -25.87 23.32 -0.75
C THR C 78 -25.56 24.82 -0.81
N SER C 79 -25.06 25.29 -1.95
CA SER C 79 -24.65 26.69 -2.09
C SER C 79 -25.84 27.64 -1.97
N ALA C 80 -27.03 27.16 -2.36
CA ALA C 80 -28.27 27.92 -2.25
C ALA C 80 -28.66 28.22 -0.79
N ASP C 81 -28.27 27.35 0.14
CA ASP C 81 -28.56 27.51 1.58
C ASP C 81 -27.59 28.44 2.33
N GLY C 82 -26.45 28.75 1.69
CA GLY C 82 -25.49 29.71 2.21
C GLY C 82 -24.95 29.39 3.60
N ASN C 83 -24.26 28.27 3.74
CA ASN C 83 -23.50 27.94 4.95
C ASN C 83 -22.00 27.86 4.58
N GLU C 84 -21.18 28.74 5.16
CA GLU C 84 -19.74 28.88 4.77
C GLU C 84 -18.95 27.60 4.99
N LYS C 85 -19.09 27.09 6.20
CA LYS C 85 -18.36 25.91 6.67
C LYS C 85 -18.64 24.70 5.81
N LYS C 86 -19.91 24.52 5.43
CA LYS C 86 -20.32 23.42 4.57
C LYS C 86 -19.95 23.64 3.10
N ILE C 87 -20.09 24.88 2.63
CA ILE C 87 -19.73 25.22 1.24
C ILE C 87 -18.24 24.99 1.00
N GLU C 88 -17.43 25.34 1.99
CA GLU C 88 -15.99 25.11 1.91
C GLU C 88 -15.67 23.60 1.90
N MET C 89 -16.11 22.91 2.92
CA MET C 89 -15.94 21.45 3.06
C MET C 89 -16.26 20.66 1.79
N VAL C 90 -17.42 20.95 1.21
CA VAL C 90 -17.87 20.25 0.01
C VAL C 90 -16.95 20.59 -1.15
N ARG C 91 -16.66 21.87 -1.30
CA ARG C 91 -15.81 22.34 -2.37
C ARG C 91 -14.49 21.57 -2.29
N ALA C 92 -13.92 21.51 -1.09
CA ALA C 92 -12.63 20.86 -0.87
C ALA C 92 -12.65 19.37 -1.24
N TYR C 93 -13.74 18.70 -0.86
CA TYR C 93 -13.86 17.27 -1.09
C TYR C 93 -14.03 17.02 -2.57
N ARG C 94 -14.79 17.88 -3.25
CA ARG C 94 -14.97 17.75 -4.70
C ARG C 94 -13.61 17.85 -5.35
N GLU C 95 -12.85 18.86 -4.94
CA GLU C 95 -11.51 19.06 -5.45
C GLU C 95 -10.66 17.82 -5.23
N LYS C 96 -10.78 17.21 -4.06
CA LYS C 96 -9.95 16.04 -3.75
C LYS C 96 -10.22 14.94 -4.77
N ILE C 97 -11.49 14.65 -4.99
CA ILE C 97 -11.90 13.70 -6.01
C ILE C 97 -11.40 14.09 -7.38
N GLU C 98 -11.53 15.36 -7.74
CA GLU C 98 -11.07 15.83 -9.06
C GLU C 98 -9.62 15.41 -9.30
N LYS C 99 -8.75 15.70 -8.33
CA LYS C 99 -7.31 15.48 -8.50
C LYS C 99 -6.98 14.02 -8.68
N GLU C 100 -7.69 13.15 -7.97
CA GLU C 100 -7.56 11.73 -8.18
C GLU C 100 -7.97 11.35 -9.61
N LEU C 101 -9.09 11.91 -10.07
CA LEU C 101 -9.63 11.59 -11.38
C LEU C 101 -8.66 12.01 -12.46
N GLU C 102 -8.06 13.18 -12.28
CA GLU C 102 -7.18 13.72 -13.30
C GLU C 102 -5.89 12.95 -13.34
N ALA C 103 -5.39 12.56 -12.17
CA ALA C 103 -4.19 11.75 -12.08
C ALA C 103 -4.34 10.41 -12.83
N VAL C 104 -5.47 9.75 -12.64
CA VAL C 104 -5.70 8.52 -13.36
C VAL C 104 -5.76 8.82 -14.85
N CYS C 105 -6.37 9.93 -15.21
CA CYS C 105 -6.49 10.29 -16.61
C CYS C 105 -5.15 10.53 -17.28
N GLN C 106 -4.22 11.21 -16.61
CA GLN C 106 -2.85 11.40 -17.16
C GLN C 106 -2.12 10.08 -17.30
N ASP C 107 -2.31 9.20 -16.32
CA ASP C 107 -1.64 7.94 -16.26
C ASP C 107 -1.92 7.23 -17.59
N VAL C 108 -3.20 7.06 -17.90
CA VAL C 108 -3.64 6.38 -19.11
C VAL C 108 -3.14 7.12 -20.32
N LEU C 109 -3.40 8.41 -20.36
CA LEU C 109 -3.06 9.22 -21.55
C LEU C 109 -1.59 9.17 -21.88
N SER C 110 -0.77 9.10 -20.84
CA SER C 110 0.66 8.97 -21.01
C SER C 110 1.03 7.62 -21.61
N LEU C 111 0.39 6.54 -21.15
CA LEU C 111 0.58 5.23 -21.76
C LEU C 111 0.19 5.25 -23.22
N LEU C 112 -0.98 5.81 -23.52
CA LEU C 112 -1.44 5.94 -24.90
C LEU C 112 -0.46 6.70 -25.79
N ASP C 113 -0.05 7.89 -25.37
CA ASP C 113 0.86 8.71 -26.18
C ASP C 113 2.23 8.09 -26.35
N ASN C 114 2.79 7.56 -25.26
CA ASN C 114 4.21 7.19 -25.22
C ASN C 114 4.48 5.71 -25.42
N TYR C 115 3.45 4.86 -25.40
CA TYR C 115 3.62 3.44 -25.68
C TYR C 115 2.66 2.94 -26.76
N LEU C 116 1.37 3.05 -26.51
CA LEU C 116 0.42 2.25 -27.26
C LEU C 116 0.22 2.77 -28.67
N ILE C 117 -0.10 4.06 -28.77
CA ILE C 117 -0.26 4.72 -30.06
C ILE C 117 1.07 4.83 -30.80
N LYS C 118 2.10 5.29 -30.11
CA LYS C 118 3.43 5.37 -30.68
C LYS C 118 3.85 4.10 -31.42
N ASN C 119 3.65 2.93 -30.81
CA ASN C 119 4.14 1.66 -31.36
C ASN C 119 3.12 0.99 -32.26
N CYS C 120 2.25 1.77 -32.89
CA CYS C 120 1.36 1.23 -33.89
C CYS C 120 2.03 1.44 -35.23
N SER C 121 2.11 0.36 -36.02
CA SER C 121 2.57 0.43 -37.41
C SER C 121 1.43 0.96 -38.28
N GLU C 122 1.78 1.58 -39.38
CA GLU C 122 0.83 2.29 -40.21
C GLU C 122 -0.42 1.51 -40.54
N THR C 123 -0.33 0.19 -40.66
CA THR C 123 -1.46 -0.64 -41.08
C THR C 123 -2.16 -1.41 -39.94
N GLN C 124 -1.85 -1.06 -38.69
CA GLN C 124 -2.58 -1.59 -37.54
C GLN C 124 -3.72 -0.62 -37.17
N TYR C 125 -4.66 -0.53 -38.10
CA TYR C 125 -5.73 0.45 -38.02
C TYR C 125 -6.63 0.17 -36.83
N GLU C 126 -6.91 -1.11 -36.57
CA GLU C 126 -7.82 -1.48 -35.50
C GLU C 126 -7.29 -0.99 -34.15
N SER C 127 -6.01 -1.21 -33.91
CA SER C 127 -5.37 -0.75 -32.68
C SER C 127 -5.32 0.77 -32.60
N LYS C 128 -4.82 1.42 -33.66
CA LYS C 128 -4.78 2.88 -33.67
C LYS C 128 -6.14 3.51 -33.39
N VAL C 129 -7.21 2.88 -33.85
CA VAL C 129 -8.54 3.42 -33.61
C VAL C 129 -8.93 3.23 -32.14
N PHE C 130 -8.78 2.01 -31.64
CA PHE C 130 -9.11 1.70 -30.26
C PHE C 130 -8.45 2.73 -29.37
N TYR C 131 -7.13 2.83 -29.51
CA TYR C 131 -6.32 3.70 -28.66
C TYR C 131 -6.66 5.19 -28.80
N LEU C 132 -7.00 5.64 -30.02
CA LEU C 132 -7.38 7.04 -30.23
C LEU C 132 -8.75 7.32 -29.61
N LYS C 133 -9.68 6.39 -29.79
CA LYS C 133 -10.96 6.53 -29.13
C LYS C 133 -10.79 6.68 -27.62
N MET C 134 -9.97 5.80 -27.06
CA MET C 134 -9.65 5.80 -25.62
C MET C 134 -9.06 7.16 -25.19
N LYS C 135 -8.16 7.67 -26.03
CA LYS C 135 -7.55 8.97 -25.78
C LYS C 135 -8.61 10.05 -25.77
N GLY C 136 -9.52 9.98 -26.73
CA GLY C 136 -10.67 10.89 -26.74
C GLY C 136 -11.55 10.76 -25.50
N ASP C 137 -11.82 9.51 -25.08
CA ASP C 137 -12.63 9.23 -23.88
C ASP C 137 -12.02 9.88 -22.63
N TYR C 138 -10.71 9.72 -22.44
CA TYR C 138 -10.08 10.20 -21.21
C TYR C 138 -9.91 11.72 -21.21
N TYR C 139 -9.70 12.34 -22.36
CA TYR C 139 -9.72 13.80 -22.40
C TYR C 139 -11.13 14.31 -22.14
N ARG C 140 -12.11 13.55 -22.65
CA ARG C 140 -13.50 13.89 -22.41
C ARG C 140 -13.79 13.86 -20.92
N TYR C 141 -13.31 12.82 -20.21
CA TYR C 141 -13.54 12.71 -18.75
C TYR C 141 -12.90 13.88 -17.96
N LEU C 142 -11.77 14.39 -18.44
CA LEU C 142 -11.17 15.62 -17.88
C LEU C 142 -12.06 16.82 -18.13
N ALA C 143 -12.68 16.87 -19.30
CA ALA C 143 -13.53 17.99 -19.69
C ALA C 143 -14.77 18.11 -18.79
N GLU C 144 -15.31 16.95 -18.41
CA GLU C 144 -16.48 16.90 -17.52
C GLU C 144 -16.25 17.68 -16.22
N VAL C 145 -14.99 17.81 -15.80
CA VAL C 145 -14.66 18.43 -14.51
C VAL C 145 -13.85 19.70 -14.65
N ALA C 146 -13.42 20.02 -15.87
CA ALA C 146 -12.61 21.19 -16.08
C ALA C 146 -13.52 22.40 -16.23
N THR C 147 -12.92 23.58 -16.08
CA THR C 147 -13.59 24.87 -16.35
C THR C 147 -12.57 25.85 -16.93
N GLY C 148 -13.08 26.86 -17.64
CA GLY C 148 -12.25 27.93 -18.16
C GLY C 148 -11.32 27.44 -19.27
N GLU C 149 -10.14 28.06 -19.34
CA GLU C 149 -9.15 27.73 -20.37
C GLU C 149 -8.72 26.27 -20.31
N LYS C 150 -8.64 25.71 -19.11
CA LYS C 150 -8.24 24.31 -18.98
C LYS C 150 -9.22 23.43 -19.76
N ARG C 151 -10.51 23.71 -19.59
CA ARG C 151 -11.55 22.95 -20.26
C ARG C 151 -11.41 23.03 -21.77
N ALA C 152 -11.30 24.25 -22.27
CA ALA C 152 -11.17 24.47 -23.71
C ALA C 152 -10.05 23.59 -24.32
N THR C 153 -8.92 23.52 -23.62
CA THR C 153 -7.74 22.80 -24.10
C THR C 153 -8.01 21.30 -24.21
N VAL C 154 -8.58 20.71 -23.15
CA VAL C 154 -8.83 19.27 -23.15
C VAL C 154 -10.00 18.89 -24.06
N VAL C 155 -10.92 19.81 -24.26
CA VAL C 155 -12.00 19.60 -25.22
C VAL C 155 -11.43 19.50 -26.62
N GLU C 156 -10.50 20.40 -26.93
CA GLU C 156 -9.80 20.34 -28.21
C GLU C 156 -9.05 19.00 -28.35
N SER C 157 -8.32 18.62 -27.30
CA SER C 157 -7.54 17.38 -27.33
C SER C 157 -8.43 16.16 -27.57
N SER C 158 -9.63 16.20 -27.03
CA SER C 158 -10.59 15.12 -27.21
C SER C 158 -11.02 15.05 -28.67
N GLU C 159 -11.41 16.22 -29.20
CA GLU C 159 -11.87 16.33 -30.60
C GLU C 159 -10.82 15.79 -31.57
N LYS C 160 -9.57 16.19 -31.40
CA LYS C 160 -8.48 15.70 -32.25
C LYS C 160 -8.39 14.17 -32.31
N ALA C 161 -8.49 13.55 -31.14
CA ALA C 161 -8.34 12.12 -31.03
C ALA C 161 -9.57 11.42 -31.62
N TYR C 162 -10.75 11.86 -31.19
CA TYR C 162 -11.99 11.28 -31.73
C TYR C 162 -12.09 11.48 -33.24
N SER C 163 -11.61 12.63 -33.71
CA SER C 163 -11.64 12.96 -35.13
C SER C 163 -10.69 12.06 -35.93
N GLU C 164 -9.45 11.94 -35.48
CA GLU C 164 -8.47 11.12 -36.16
C GLU C 164 -8.93 9.67 -36.21
N ALA C 165 -9.51 9.20 -35.11
CA ALA C 165 -10.00 7.83 -35.05
C ALA C 165 -11.13 7.62 -36.06
N HIS C 166 -11.92 8.67 -36.26
CA HIS C 166 -13.05 8.63 -37.19
C HIS C 166 -12.58 8.45 -38.63
N GLU C 167 -11.59 9.23 -39.04
CA GLU C 167 -11.03 9.17 -40.40
C GLU C 167 -10.50 7.78 -40.69
N ILE C 168 -9.68 7.28 -39.77
CA ILE C 168 -9.04 5.99 -39.89
C ILE C 168 -10.10 4.90 -39.95
N SER C 169 -11.06 4.93 -39.03
CA SER C 169 -12.07 3.88 -38.98
C SER C 169 -13.01 3.90 -40.21
N LYS C 170 -13.27 5.09 -40.75
CA LYS C 170 -14.14 5.23 -41.92
C LYS C 170 -13.55 4.49 -43.12
N GLU C 171 -12.25 4.64 -43.34
CA GLU C 171 -11.59 4.07 -44.51
C GLU C 171 -11.27 2.61 -44.37
N HIS C 172 -10.73 2.20 -43.23
CA HIS C 172 -10.16 0.86 -43.14
C HIS C 172 -10.95 -0.14 -42.28
N MET C 173 -12.08 0.29 -41.73
CA MET C 173 -12.92 -0.63 -40.93
C MET C 173 -14.33 -0.59 -41.40
N GLN C 174 -15.03 -1.73 -41.34
CA GLN C 174 -16.40 -1.77 -41.85
C GLN C 174 -17.38 -1.23 -40.80
N PRO C 175 -18.53 -0.71 -41.26
CA PRO C 175 -19.41 0.07 -40.39
C PRO C 175 -20.04 -0.72 -39.24
N THR C 176 -19.99 -2.06 -39.33
CA THR C 176 -20.56 -2.94 -38.31
C THR C 176 -19.57 -3.32 -37.22
N HIS C 177 -18.29 -3.00 -37.43
CA HIS C 177 -17.24 -3.31 -36.45
C HIS C 177 -17.54 -2.65 -35.10
N PRO C 178 -17.54 -3.43 -34.01
CA PRO C 178 -17.88 -2.92 -32.67
C PRO C 178 -17.09 -1.70 -32.25
N ILE C 179 -15.83 -1.65 -32.65
CA ILE C 179 -14.96 -0.51 -32.32
C ILE C 179 -15.36 0.76 -33.06
N ARG C 180 -15.71 0.64 -34.35
CA ARG C 180 -16.17 1.80 -35.11
C ARG C 180 -17.51 2.28 -34.58
N LEU C 181 -18.37 1.35 -34.16
CA LEU C 181 -19.66 1.72 -33.60
C LEU C 181 -19.50 2.38 -32.24
N GLY C 182 -18.62 1.80 -31.41
CA GLY C 182 -18.33 2.35 -30.08
C GLY C 182 -17.75 3.76 -30.14
N LEU C 183 -16.88 3.98 -31.13
CA LEU C 183 -16.35 5.28 -31.40
C LEU C 183 -17.47 6.25 -31.72
N ALA C 184 -18.29 5.92 -32.73
CA ALA C 184 -19.45 6.73 -33.11
C ALA C 184 -20.32 7.02 -31.89
N LEU C 185 -20.48 6.01 -31.04
CA LEU C 185 -21.30 6.16 -29.86
C LEU C 185 -20.71 7.20 -28.94
N ASN C 186 -19.42 7.06 -28.62
CA ASN C 186 -18.77 7.97 -27.68
C ASN C 186 -18.53 9.34 -28.28
N TYR C 187 -18.20 9.38 -29.55
CA TYR C 187 -17.99 10.66 -30.25
C TYR C 187 -19.29 11.48 -30.26
N SER C 188 -20.41 10.79 -30.51
CA SER C 188 -21.73 11.43 -30.50
C SER C 188 -22.02 11.99 -29.11
N VAL C 189 -21.73 11.21 -28.08
CA VAL C 189 -21.90 11.68 -26.70
C VAL C 189 -21.03 12.89 -26.42
N PHE C 190 -19.78 12.85 -26.88
CA PHE C 190 -18.90 14.00 -26.74
C PHE C 190 -19.59 15.24 -27.28
N TYR C 191 -20.12 15.12 -28.50
CA TYR C 191 -20.82 16.23 -29.14
C TYR C 191 -21.99 16.76 -28.31
N TYR C 192 -22.86 15.86 -27.85
CA TYR C 192 -24.02 16.26 -27.05
C TYR C 192 -23.66 16.84 -25.69
N GLU C 193 -22.79 16.18 -24.92
CA GLU C 193 -22.56 16.54 -23.52
C GLU C 193 -21.49 17.60 -23.30
N ILE C 194 -20.47 17.63 -24.14
CA ILE C 194 -19.30 18.51 -23.90
C ILE C 194 -19.31 19.72 -24.83
N GLN C 195 -19.63 19.49 -26.11
CA GLN C 195 -19.75 20.57 -27.07
C GLN C 195 -21.13 21.21 -27.04
N ASN C 196 -22.10 20.50 -26.48
CA ASN C 196 -23.48 20.94 -26.46
C ASN C 196 -24.02 21.22 -27.87
N ALA C 197 -23.75 20.29 -28.79
CA ALA C 197 -24.16 20.39 -30.21
C ALA C 197 -25.06 19.23 -30.67
N PRO C 198 -26.34 19.22 -30.23
CA PRO C 198 -27.31 18.12 -30.43
C PRO C 198 -27.49 17.63 -31.87
N GLU C 199 -27.36 18.53 -32.82
CA GLU C 199 -27.62 18.20 -34.22
C GLU C 199 -26.49 17.36 -34.81
N GLN C 200 -25.27 17.65 -34.39
CA GLN C 200 -24.11 16.86 -34.80
C GLN C 200 -24.10 15.50 -34.13
N ALA C 201 -24.38 15.53 -32.83
CA ALA C 201 -24.49 14.31 -32.05
C ALA C 201 -25.40 13.33 -32.78
N CYS C 202 -26.60 13.81 -33.08
CA CYS C 202 -27.63 12.98 -33.71
C CYS C 202 -27.24 12.52 -35.10
N HIS C 203 -26.71 13.44 -35.90
CA HIS C 203 -26.33 13.11 -37.26
C HIS C 203 -25.33 11.97 -37.25
N LEU C 204 -24.29 12.12 -36.41
CA LEU C 204 -23.22 11.13 -36.29
C LEU C 204 -23.72 9.77 -35.83
N ALA C 205 -24.55 9.77 -34.80
CA ALA C 205 -25.16 8.55 -34.30
C ALA C 205 -26.06 7.88 -35.35
N LYS C 206 -26.92 8.69 -35.97
CA LYS C 206 -27.81 8.21 -37.03
C LYS C 206 -27.06 7.65 -38.24
N THR C 207 -26.11 8.44 -38.76
CA THR C 207 -25.29 8.03 -39.89
C THR C 207 -24.63 6.69 -39.63
N ALA C 208 -24.00 6.55 -38.45
CA ALA C 208 -23.27 5.33 -38.08
C ALA C 208 -24.16 4.11 -37.89
N PHE C 209 -25.36 4.36 -37.37
CA PHE C 209 -26.41 3.34 -37.22
C PHE C 209 -26.85 2.85 -38.60
N ASP C 210 -27.27 3.80 -39.45
CA ASP C 210 -27.77 3.52 -40.80
C ASP C 210 -26.73 2.77 -41.65
N ASP C 211 -25.47 3.19 -41.58
CA ASP C 211 -24.36 2.54 -42.28
C ASP C 211 -24.13 1.10 -41.82
N ALA C 212 -24.45 0.84 -40.55
CA ALA C 212 -24.32 -0.48 -39.97
C ALA C 212 -25.48 -1.38 -40.39
N ILE C 213 -26.68 -0.80 -40.37
CA ILE C 213 -27.88 -1.49 -40.79
C ILE C 213 -27.71 -2.01 -42.22
N ALA C 214 -27.17 -1.17 -43.10
CA ALA C 214 -26.92 -1.52 -44.51
C ALA C 214 -26.16 -2.83 -44.67
N GLU C 215 -25.11 -3.01 -43.87
CA GLU C 215 -24.27 -4.21 -43.95
C GLU C 215 -24.74 -5.31 -43.02
N LEU C 216 -25.85 -5.10 -42.35
CA LEU C 216 -26.30 -6.04 -41.32
C LEU C 216 -26.71 -7.39 -41.90
N ASP C 217 -27.20 -7.37 -43.14
CA ASP C 217 -27.61 -8.57 -43.88
C ASP C 217 -26.67 -9.76 -43.68
N THR C 218 -25.40 -9.54 -43.97
CA THR C 218 -24.40 -10.59 -44.03
C THR C 218 -23.41 -10.44 -42.88
N LEU C 219 -23.97 -10.44 -41.67
CA LEU C 219 -23.16 -10.51 -40.48
C LEU C 219 -23.16 -11.95 -39.97
N ASN C 220 -21.97 -12.45 -39.61
CA ASN C 220 -21.83 -13.71 -38.89
C ASN C 220 -22.73 -13.67 -37.65
N GLU C 221 -23.15 -14.84 -37.17
CA GLU C 221 -23.97 -14.89 -35.95
C GLU C 221 -23.18 -14.56 -34.67
N ASP C 222 -21.85 -14.62 -34.77
CA ASP C 222 -20.95 -14.25 -33.67
C ASP C 222 -20.87 -12.72 -33.50
N SER C 223 -20.52 -12.04 -34.58
CA SER C 223 -20.40 -10.58 -34.60
C SER C 223 -21.76 -9.86 -34.59
N TYR C 224 -22.82 -10.57 -34.98
CA TYR C 224 -24.18 -10.02 -34.96
C TYR C 224 -24.62 -9.61 -33.54
N LYS C 225 -24.31 -10.45 -32.55
CA LYS C 225 -24.57 -10.13 -31.13
C LYS C 225 -23.74 -8.95 -30.61
N ASP C 226 -22.50 -8.84 -31.08
CA ASP C 226 -21.58 -7.78 -30.64
C ASP C 226 -21.95 -6.39 -31.14
N SER C 227 -22.41 -6.31 -32.38
CA SER C 227 -22.70 -5.04 -33.02
C SER C 227 -24.07 -4.51 -32.60
N THR C 228 -25.09 -5.37 -32.60
CA THR C 228 -26.46 -4.98 -32.23
C THR C 228 -26.54 -4.42 -30.81
N LEU C 229 -25.72 -4.98 -29.94
CA LEU C 229 -25.63 -4.49 -28.58
C LEU C 229 -25.31 -3.00 -28.56
N ILE C 230 -24.30 -2.62 -29.33
CA ILE C 230 -23.84 -1.24 -29.40
C ILE C 230 -24.84 -0.39 -30.19
N MET C 231 -25.38 -0.96 -31.28
CA MET C 231 -26.37 -0.27 -32.12
C MET C 231 -27.64 0.10 -31.38
N GLN C 232 -28.04 -0.73 -30.41
CA GLN C 232 -29.12 -0.39 -29.47
C GLN C 232 -28.83 0.91 -28.76
N LEU C 233 -27.64 1.01 -28.21
CA LEU C 233 -27.25 2.20 -27.44
C LEU C 233 -27.25 3.47 -28.30
N LEU C 234 -26.81 3.34 -29.55
CA LEU C 234 -26.88 4.44 -30.49
C LEU C 234 -28.32 4.90 -30.60
N ARG C 235 -29.21 3.95 -30.81
CA ARG C 235 -30.60 4.23 -31.02
C ARG C 235 -31.24 4.82 -29.77
N ASP C 236 -30.98 4.21 -28.62
CA ASP C 236 -31.53 4.69 -27.35
C ASP C 236 -31.18 6.15 -27.14
N ASN C 237 -29.92 6.48 -27.36
CA ASN C 237 -29.49 7.86 -27.28
C ASN C 237 -30.27 8.75 -28.24
N LEU C 238 -30.29 8.36 -29.51
CA LEU C 238 -31.02 9.11 -30.54
C LEU C 238 -32.48 9.38 -30.15
N THR C 239 -33.17 8.33 -29.71
CA THR C 239 -34.54 8.44 -29.26
C THR C 239 -34.63 9.46 -28.13
N LEU C 240 -33.74 9.33 -27.14
CA LEU C 240 -33.70 10.28 -26.02
C LEU C 240 -33.44 11.71 -26.49
N TRP C 241 -32.52 11.87 -27.44
CA TRP C 241 -32.10 13.20 -27.90
C TRP C 241 -33.13 13.88 -28.80
N THR C 242 -33.95 13.09 -29.47
CA THR C 242 -34.99 13.63 -30.36
C THR C 242 -36.40 13.60 -29.74
N SER C 243 -36.49 14.04 -28.49
CA SER C 243 -37.71 13.96 -27.70
C SER C 243 -37.63 14.95 -26.54
N ALA D 5 -7.96 26.00 2.24
CA ALA D 5 -7.92 25.01 3.35
C ALA D 5 -8.30 23.63 2.83
N SER D 6 -7.34 22.97 2.17
CA SER D 6 -7.60 21.70 1.49
C SER D 6 -7.60 20.51 2.47
N VAL D 7 -8.80 20.17 2.94
CA VAL D 7 -9.09 19.09 3.92
C VAL D 7 -8.07 18.94 5.09
N GLY D 8 -7.61 20.09 5.60
CA GLY D 8 -7.07 20.22 6.94
C GLY D 8 -8.22 20.50 7.90
N LEU D 9 -9.45 20.45 7.37
CA LEU D 9 -10.72 20.56 8.12
C LEU D 9 -10.88 19.37 9.10
N VAL D 10 -10.79 19.61 10.41
CA VAL D 10 -10.58 18.53 11.40
C VAL D 10 -11.18 18.72 12.83
N ASP D 11 -12.16 19.63 13.00
CA ASP D 11 -12.96 19.72 14.26
C ASP D 11 -14.15 18.70 14.26
N ARG D 12 -14.85 18.52 15.39
CA ARG D 12 -15.70 17.34 15.48
C ARG D 12 -16.86 17.35 14.51
N GLU D 13 -17.58 18.49 14.45
CA GLU D 13 -18.71 18.58 13.54
C GLU D 13 -18.28 18.46 12.08
N GLN D 14 -17.15 19.08 11.74
CA GLN D 14 -16.56 18.95 10.40
C GLN D 14 -16.28 17.51 10.02
N LEU D 15 -15.76 16.73 10.97
CA LEU D 15 -15.38 15.35 10.69
C LEU D 15 -16.61 14.51 10.38
N VAL D 16 -17.64 14.65 11.19
CA VAL D 16 -18.89 13.92 10.95
C VAL D 16 -19.50 14.34 9.62
N GLN D 17 -19.34 15.61 9.27
CA GLN D 17 -19.85 16.13 8.00
C GLN D 17 -19.10 15.51 6.83
N LYS D 18 -17.77 15.36 6.98
CA LYS D 18 -16.96 14.72 5.95
C LYS D 18 -17.37 13.28 5.81
N ALA D 19 -17.69 12.65 6.93
CA ALA D 19 -18.14 11.28 6.91
C ALA D 19 -19.42 11.16 6.13
N ARG D 20 -20.33 12.12 6.33
CA ARG D 20 -21.62 12.10 5.62
C ARG D 20 -21.42 12.25 4.16
N LEU D 21 -20.50 13.16 3.80
CA LEU D 21 -20.18 13.44 2.41
C LEU D 21 -19.63 12.21 1.71
N ALA D 22 -18.56 11.68 2.31
CA ALA D 22 -17.88 10.47 1.84
C ALA D 22 -18.88 9.33 1.64
N GLU D 23 -19.81 9.19 2.58
CA GLU D 23 -20.85 8.17 2.43
C GLU D 23 -21.69 8.32 1.15
N GLN D 24 -22.02 9.54 0.80
CA GLN D 24 -22.82 9.77 -0.36
C GLN D 24 -21.98 9.58 -1.62
N ALA D 25 -20.69 9.89 -1.51
CA ALA D 25 -19.74 9.64 -2.59
C ALA D 25 -19.32 8.18 -2.68
N GLU D 26 -19.80 7.34 -1.77
CA GLU D 26 -19.43 5.93 -1.70
C GLU D 26 -17.91 5.74 -1.60
N ARG D 27 -17.28 6.61 -0.82
CA ARG D 27 -15.87 6.57 -0.58
C ARG D 27 -15.66 6.15 0.87
N TYR D 28 -15.79 4.85 1.10
CA TYR D 28 -15.86 4.32 2.46
C TYR D 28 -14.55 4.34 3.22
N ASP D 29 -13.42 4.34 2.49
CA ASP D 29 -12.12 4.50 3.13
C ASP D 29 -12.03 5.87 3.81
N ASP D 30 -12.34 6.91 3.05
CA ASP D 30 -12.42 8.28 3.58
C ASP D 30 -13.38 8.35 4.76
N MET D 31 -14.56 7.74 4.59
CA MET D 31 -15.61 7.73 5.61
C MET D 31 -15.14 7.10 6.91
N ALA D 32 -14.53 5.93 6.79
CA ALA D 32 -14.00 5.24 7.95
C ALA D 32 -13.01 6.13 8.70
N ALA D 33 -12.06 6.71 7.94
CA ALA D 33 -11.00 7.53 8.50
C ALA D 33 -11.53 8.73 9.25
N ALA D 34 -12.63 9.29 8.77
CA ALA D 34 -13.28 10.41 9.44
C ALA D 34 -13.86 9.97 10.77
N MET D 35 -14.68 8.93 10.72
CA MET D 35 -15.33 8.43 11.91
C MET D 35 -14.34 7.87 12.94
N LYS D 36 -13.25 7.30 12.46
CA LYS D 36 -12.15 6.90 13.34
C LYS D 36 -11.63 8.10 14.10
N ASN D 37 -11.51 9.20 13.39
CA ASN D 37 -11.04 10.43 14.00
C ASN D 37 -12.01 10.95 15.04
N VAL D 38 -13.30 10.91 14.70
CA VAL D 38 -14.36 11.32 15.63
C VAL D 38 -14.27 10.47 16.89
N THR D 39 -14.16 9.16 16.69
CA THR D 39 -14.10 8.23 17.80
C THR D 39 -12.92 8.53 18.70
N GLU D 40 -11.79 8.88 18.09
CA GLU D 40 -10.57 9.13 18.85
C GLU D 40 -10.62 10.41 19.71
N LEU D 41 -11.64 11.24 19.50
CA LEU D 41 -11.82 12.42 20.34
C LEU D 41 -12.31 12.02 21.71
N ASN D 42 -12.69 10.75 21.84
CA ASN D 42 -12.96 10.15 23.13
C ASN D 42 -14.27 10.60 23.78
N GLU D 43 -15.20 11.11 23.00
CA GLU D 43 -16.52 11.39 23.51
C GLU D 43 -17.49 10.38 22.94
N PRO D 44 -18.65 10.20 23.59
CA PRO D 44 -19.61 9.23 23.10
C PRO D 44 -20.12 9.56 21.71
N LEU D 45 -20.63 8.54 21.02
CA LEU D 45 -21.18 8.72 19.68
C LEU D 45 -22.71 8.74 19.74
N SER D 46 -23.32 9.67 19.02
CA SER D 46 -24.77 9.69 18.87
C SER D 46 -25.20 8.48 18.05
N ASN D 47 -26.50 8.25 17.97
CA ASN D 47 -27.04 7.14 17.17
C ASN D 47 -26.62 7.26 15.72
N GLU D 48 -26.70 8.46 15.16
CA GLU D 48 -26.32 8.65 13.77
C GLU D 48 -24.84 8.38 13.57
N GLU D 49 -24.04 8.93 14.48
CA GLU D 49 -22.59 8.78 14.43
C GLU D 49 -22.13 7.33 14.57
N ARG D 50 -22.70 6.62 15.53
CA ARG D 50 -22.52 5.16 15.62
C ARG D 50 -22.70 4.46 14.30
N ASN D 51 -23.81 4.75 13.61
CA ASN D 51 -24.13 4.08 12.35
C ASN D 51 -23.18 4.46 11.23
N LEU D 52 -22.74 5.71 11.22
CA LEU D 52 -21.75 6.14 10.22
C LEU D 52 -20.47 5.32 10.35
N LEU D 53 -19.98 5.16 11.57
CA LEU D 53 -18.83 4.30 11.83
C LEU D 53 -19.11 2.88 11.37
N SER D 54 -20.23 2.34 11.82
CA SER D 54 -20.59 0.96 11.48
C SER D 54 -20.60 0.77 9.97
N VAL D 55 -21.24 1.71 9.28
CA VAL D 55 -21.45 1.60 7.85
C VAL D 55 -20.12 1.71 7.11
N ALA D 56 -19.28 2.66 7.51
CA ALA D 56 -17.98 2.85 6.87
C ALA D 56 -17.17 1.54 6.89
N TYR D 57 -16.92 1.03 8.09
CA TYR D 57 -16.07 -0.13 8.22
C TYR D 57 -16.74 -1.40 7.66
N LYS D 58 -18.05 -1.45 7.70
CA LYS D 58 -18.75 -2.61 7.17
C LYS D 58 -18.49 -2.67 5.68
N ASN D 59 -18.60 -1.53 4.99
CA ASN D 59 -18.34 -1.42 3.54
C ASN D 59 -16.90 -1.62 3.18
N VAL D 60 -15.98 -1.14 4.03
CA VAL D 60 -14.56 -1.29 3.76
C VAL D 60 -14.18 -2.77 3.82
N VAL D 61 -14.47 -3.41 4.95
CA VAL D 61 -14.18 -4.83 5.08
C VAL D 61 -15.02 -5.70 4.13
N GLY D 62 -16.19 -5.24 3.74
CA GLY D 62 -17.09 -6.03 2.89
C GLY D 62 -16.58 -6.18 1.48
N ALA D 63 -15.95 -5.12 1.00
CA ALA D 63 -15.30 -5.15 -0.29
C ALA D 63 -14.20 -6.23 -0.29
N ARG D 64 -13.47 -6.34 0.82
CA ARG D 64 -12.41 -7.35 0.91
C ARG D 64 -12.91 -8.75 1.17
N ARG D 65 -14.01 -8.89 1.92
CA ARG D 65 -14.68 -10.19 2.04
C ARG D 65 -15.14 -10.68 0.68
N SER D 66 -15.80 -9.81 -0.07
CA SER D 66 -16.29 -10.19 -1.37
C SER D 66 -15.15 -10.63 -2.30
N SER D 67 -14.05 -9.88 -2.29
CA SER D 67 -12.90 -10.22 -3.13
C SER D 67 -12.35 -11.56 -2.68
N TRP D 68 -12.14 -11.68 -1.39
CA TRP D 68 -11.58 -12.89 -0.82
C TRP D 68 -12.35 -14.12 -1.27
N ARG D 69 -13.67 -14.02 -1.30
CA ARG D 69 -14.49 -15.18 -1.60
C ARG D 69 -14.31 -15.57 -3.07
N VAL D 70 -14.30 -14.58 -3.95
CA VAL D 70 -14.14 -14.83 -5.37
C VAL D 70 -12.80 -15.47 -5.64
N ILE D 71 -11.77 -15.06 -4.90
CA ILE D 71 -10.44 -15.63 -5.10
C ILE D 71 -10.25 -16.99 -4.43
N SER D 72 -10.68 -17.13 -3.19
CA SER D 72 -10.72 -18.45 -2.53
C SER D 72 -11.36 -19.52 -3.41
N SER D 73 -12.50 -19.19 -4.01
CA SER D 73 -13.20 -20.11 -4.88
C SER D 73 -12.38 -20.42 -6.13
N ILE D 74 -11.75 -19.40 -6.74
CA ILE D 74 -10.87 -19.61 -7.90
C ILE D 74 -9.66 -20.46 -7.53
N GLU D 75 -9.20 -20.37 -6.29
CA GLU D 75 -8.08 -21.17 -5.82
C GLU D 75 -8.39 -22.67 -5.74
N GLN D 76 -9.66 -23.03 -5.61
CA GLN D 76 -10.07 -24.42 -5.40
C GLN D 76 -10.30 -25.18 -6.70
N LYS D 77 -10.83 -24.54 -7.73
CA LYS D 77 -10.89 -25.18 -9.06
C LYS D 77 -9.50 -25.17 -9.71
N THR D 78 -8.68 -24.19 -9.33
CA THR D 78 -7.34 -24.01 -9.90
C THR D 78 -6.37 -25.08 -9.40
N SER D 79 -6.44 -25.40 -8.11
CA SER D 79 -5.51 -26.39 -7.52
C SER D 79 -5.72 -27.79 -8.09
N ALA D 80 -6.94 -28.09 -8.51
CA ALA D 80 -7.27 -29.36 -9.16
C ALA D 80 -6.55 -29.55 -10.51
N ASP D 81 -6.26 -28.45 -11.21
CA ASP D 81 -5.58 -28.50 -12.53
C ASP D 81 -4.05 -28.62 -12.43
N GLY D 82 -3.51 -28.38 -11.24
CA GLY D 82 -2.07 -28.56 -10.97
C GLY D 82 -1.14 -27.78 -11.88
N ASN D 83 -1.21 -26.45 -11.81
CA ASN D 83 -0.23 -25.56 -12.44
C ASN D 83 0.48 -24.75 -11.34
N GLU D 84 1.80 -24.94 -11.20
CA GLU D 84 2.57 -24.34 -10.08
C GLU D 84 2.51 -22.83 -10.06
N LYS D 85 2.82 -22.27 -11.23
CA LYS D 85 2.93 -20.84 -11.41
C LYS D 85 1.61 -20.14 -11.05
N LYS D 86 0.50 -20.74 -11.47
CA LYS D 86 -0.83 -20.21 -11.19
C LYS D 86 -1.27 -20.46 -9.75
N ILE D 87 -0.96 -21.62 -9.20
CA ILE D 87 -1.31 -21.93 -7.83
C ILE D 87 -0.61 -20.98 -6.88
N GLU D 88 0.64 -20.65 -7.17
CA GLU D 88 1.41 -19.72 -6.34
C GLU D 88 0.80 -18.32 -6.42
N MET D 89 0.71 -17.80 -7.63
CA MET D 89 0.13 -16.46 -7.90
C MET D 89 -1.20 -16.19 -7.20
N VAL D 90 -2.13 -17.14 -7.31
CA VAL D 90 -3.43 -17.03 -6.70
C VAL D 90 -3.30 -17.02 -5.20
N ARG D 91 -2.49 -17.96 -4.68
CA ARG D 91 -2.26 -18.07 -3.24
C ARG D 91 -1.78 -16.73 -2.75
N ALA D 92 -0.82 -16.16 -3.45
CA ALA D 92 -0.22 -14.91 -3.02
C ALA D 92 -1.21 -13.77 -3.00
N TYR D 93 -2.08 -13.73 -4.00
CA TYR D 93 -3.04 -12.65 -4.12
C TYR D 93 -4.12 -12.79 -3.05
N ARG D 94 -4.52 -14.03 -2.76
CA ARG D 94 -5.48 -14.27 -1.69
C ARG D 94 -4.91 -13.74 -0.39
N GLU D 95 -3.66 -14.10 -0.13
CA GLU D 95 -2.97 -13.62 1.04
C GLU D 95 -2.98 -12.11 1.12
N LYS D 96 -2.74 -11.45 -0.01
CA LYS D 96 -2.66 -10.01 -0.02
C LYS D 96 -3.97 -9.39 0.44
N ILE D 97 -5.07 -9.88 -0.10
CA ILE D 97 -6.38 -9.49 0.34
C ILE D 97 -6.62 -9.80 1.80
N GLU D 98 -6.22 -10.98 2.25
CA GLU D 98 -6.39 -11.36 3.66
C GLU D 98 -5.78 -10.31 4.57
N LYS D 99 -4.54 -9.93 4.31
CA LYS D 99 -3.85 -9.02 5.20
C LYS D 99 -4.52 -7.68 5.26
N GLU D 100 -5.02 -7.18 4.13
CA GLU D 100 -5.84 -5.96 4.12
C GLU D 100 -7.10 -6.12 4.97
N LEU D 101 -7.80 -7.24 4.80
CA LEU D 101 -9.01 -7.50 5.54
C LEU D 101 -8.74 -7.50 7.04
N GLU D 102 -7.65 -8.13 7.45
CA GLU D 102 -7.37 -8.30 8.88
C GLU D 102 -6.97 -6.99 9.47
N ALA D 103 -6.23 -6.19 8.72
CA ALA D 103 -5.81 -4.85 9.19
C ALA D 103 -7.01 -3.96 9.50
N VAL D 104 -8.01 -3.99 8.62
CA VAL D 104 -9.22 -3.22 8.82
C VAL D 104 -9.87 -3.73 10.08
N CYS D 105 -9.93 -5.05 10.20
CA CYS D 105 -10.59 -5.66 11.34
C CYS D 105 -9.96 -5.25 12.65
N GLN D 106 -8.63 -5.22 12.74
CA GLN D 106 -7.92 -4.76 13.98
C GLN D 106 -8.26 -3.32 14.25
N ASP D 107 -8.28 -2.52 13.18
CA ASP D 107 -8.50 -1.09 13.28
C ASP D 107 -9.78 -0.89 14.08
N VAL D 108 -10.86 -1.50 13.62
CA VAL D 108 -12.16 -1.35 14.26
C VAL D 108 -12.15 -1.89 15.66
N LEU D 109 -11.65 -3.12 15.79
CA LEU D 109 -11.64 -3.82 17.08
C LEU D 109 -10.86 -3.05 18.13
N SER D 110 -9.83 -2.33 17.69
CA SER D 110 -9.07 -1.51 18.61
C SER D 110 -9.88 -0.33 19.10
N LEU D 111 -10.61 0.31 18.18
CA LEU D 111 -11.52 1.40 18.54
C LEU D 111 -12.58 0.88 19.52
N LEU D 112 -13.19 -0.26 19.22
CA LEU D 112 -14.17 -0.84 20.10
C LEU D 112 -13.59 -1.08 21.51
N ASP D 113 -12.45 -1.76 21.60
CA ASP D 113 -11.87 -2.12 22.91
C ASP D 113 -11.39 -0.91 23.71
N ASN D 114 -10.75 0.03 23.00
CA ASN D 114 -10.02 1.12 23.66
C ASN D 114 -10.72 2.46 23.72
N TYR D 115 -11.84 2.59 23.02
CA TYR D 115 -12.67 3.81 23.07
C TYR D 115 -14.16 3.51 23.33
N LEU D 116 -14.80 2.79 22.42
CA LEU D 116 -16.25 2.78 22.38
C LEU D 116 -16.86 1.99 23.54
N ILE D 117 -16.45 0.74 23.66
CA ILE D 117 -16.91 -0.13 24.74
C ILE D 117 -16.38 0.41 26.07
N LYS D 118 -15.09 0.69 26.15
CA LYS D 118 -14.50 1.22 27.38
C LYS D 118 -15.29 2.38 28.02
N ASN D 119 -15.73 3.33 27.20
CA ASN D 119 -16.41 4.52 27.70
C ASN D 119 -17.94 4.39 27.77
N CYS D 120 -18.42 3.16 27.93
CA CYS D 120 -19.83 2.94 28.16
C CYS D 120 -20.05 2.89 29.67
N SER D 121 -20.99 3.70 30.16
CA SER D 121 -21.39 3.65 31.56
C SER D 121 -22.32 2.45 31.72
N GLU D 122 -22.38 1.93 32.95
CA GLU D 122 -23.08 0.68 33.22
C GLU D 122 -24.49 0.59 32.68
N THR D 123 -25.18 1.73 32.57
CA THR D 123 -26.57 1.74 32.14
C THR D 123 -26.80 2.19 30.69
N GLN D 124 -25.73 2.29 29.90
CA GLN D 124 -25.86 2.55 28.46
C GLN D 124 -25.87 1.20 27.74
N TYR D 125 -26.95 0.46 27.96
CA TYR D 125 -27.08 -0.91 27.49
C TYR D 125 -27.17 -1.00 25.98
N GLU D 126 -27.84 -0.02 25.39
CA GLU D 126 -28.03 0.00 23.95
C GLU D 126 -26.66 0.07 23.27
N SER D 127 -25.84 1.01 23.72
CA SER D 127 -24.51 1.20 23.14
C SER D 127 -23.63 -0.02 23.37
N LYS D 128 -23.56 -0.47 24.61
CA LYS D 128 -22.78 -1.65 24.90
C LYS D 128 -23.17 -2.84 24.03
N VAL D 129 -24.45 -2.97 23.72
CA VAL D 129 -24.88 -4.09 22.88
C VAL D 129 -24.47 -3.89 21.41
N PHE D 130 -24.70 -2.70 20.89
CA PHE D 130 -24.31 -2.38 19.53
C PHE D 130 -22.84 -2.69 19.36
N TYR D 131 -22.02 -2.11 20.22
CA TYR D 131 -20.57 -2.27 20.13
C TYR D 131 -20.08 -3.70 20.37
N LEU D 132 -20.73 -4.46 21.23
CA LEU D 132 -20.33 -5.84 21.42
C LEU D 132 -20.71 -6.68 20.22
N LYS D 133 -21.90 -6.47 19.66
CA LYS D 133 -22.31 -7.16 18.43
C LYS D 133 -21.31 -6.90 17.31
N MET D 134 -20.90 -5.64 17.20
CA MET D 134 -19.92 -5.24 16.21
C MET D 134 -18.62 -6.03 16.40
N LYS D 135 -18.19 -6.10 17.65
CA LYS D 135 -16.95 -6.79 18.00
C LYS D 135 -17.05 -8.26 17.64
N GLY D 136 -18.20 -8.85 17.87
CA GLY D 136 -18.48 -10.22 17.42
C GLY D 136 -18.45 -10.36 15.91
N ASP D 137 -19.04 -9.39 15.20
CA ASP D 137 -19.04 -9.37 13.75
C ASP D 137 -17.60 -9.36 13.20
N TYR D 138 -16.75 -8.52 13.74
CA TYR D 138 -15.41 -8.35 13.14
C TYR D 138 -14.47 -9.52 13.51
N TYR D 139 -14.65 -10.12 14.67
CA TYR D 139 -13.92 -11.35 14.97
C TYR D 139 -14.44 -12.46 14.09
N ARG D 140 -15.74 -12.43 13.80
CA ARG D 140 -16.34 -13.41 12.87
C ARG D 140 -15.72 -13.29 11.48
N TYR D 141 -15.55 -12.06 11.00
CA TYR D 141 -14.95 -11.84 9.68
C TYR D 141 -13.52 -12.36 9.62
N LEU D 142 -12.77 -12.23 10.71
CA LEU D 142 -11.44 -12.81 10.79
C LEU D 142 -11.50 -14.32 10.71
N ALA D 143 -12.53 -14.91 11.34
CA ALA D 143 -12.68 -16.36 11.38
C ALA D 143 -12.95 -16.96 10.02
N GLU D 144 -13.68 -16.22 9.19
CA GLU D 144 -13.95 -16.63 7.81
C GLU D 144 -12.66 -16.93 7.03
N VAL D 145 -11.55 -16.26 7.39
CA VAL D 145 -10.31 -16.37 6.63
C VAL D 145 -9.16 -16.98 7.42
N ALA D 146 -9.41 -17.29 8.68
CA ALA D 146 -8.40 -17.90 9.54
C ALA D 146 -8.44 -19.40 9.40
N THR D 147 -7.35 -20.04 9.81
CA THR D 147 -7.25 -21.50 9.88
C THR D 147 -6.40 -21.84 11.07
N GLY D 148 -6.53 -23.07 11.54
CA GLY D 148 -5.69 -23.58 12.62
C GLY D 148 -5.95 -22.91 13.94
N GLU D 149 -4.91 -22.80 14.76
CA GLU D 149 -5.05 -22.21 16.10
C GLU D 149 -5.54 -20.75 16.02
N LYS D 150 -5.13 -20.03 14.98
CA LYS D 150 -5.54 -18.64 14.83
C LYS D 150 -7.02 -18.55 14.74
N ARG D 151 -7.61 -19.45 13.96
CA ARG D 151 -9.06 -19.49 13.79
C ARG D 151 -9.76 -19.76 15.11
N ALA D 152 -9.31 -20.80 15.80
CA ALA D 152 -9.87 -21.14 17.10
C ALA D 152 -9.92 -19.95 18.05
N THR D 153 -8.85 -19.13 18.06
CA THR D 153 -8.75 -17.99 18.98
C THR D 153 -9.77 -16.90 18.68
N VAL D 154 -9.91 -16.54 17.41
CA VAL D 154 -10.85 -15.49 17.03
C VAL D 154 -12.30 -15.97 17.08
N VAL D 155 -12.52 -17.25 16.86
CA VAL D 155 -13.85 -17.82 17.00
C VAL D 155 -14.26 -17.67 18.47
N GLU D 156 -13.35 -17.96 19.38
CA GLU D 156 -13.63 -17.77 20.81
C GLU D 156 -13.93 -16.32 21.12
N SER D 157 -13.11 -15.42 20.57
CA SER D 157 -13.31 -13.98 20.80
C SER D 157 -14.68 -13.50 20.30
N SER D 158 -15.11 -14.05 19.16
CA SER D 158 -16.41 -13.72 18.61
C SER D 158 -17.50 -14.15 19.57
N GLU D 159 -17.44 -15.41 20.01
CA GLU D 159 -18.44 -16.00 20.91
C GLU D 159 -18.58 -15.19 22.21
N LYS D 160 -17.47 -14.79 22.80
CA LYS D 160 -17.51 -13.97 24.02
C LYS D 160 -18.27 -12.66 23.85
N ALA D 161 -18.04 -11.99 22.73
CA ALA D 161 -18.67 -10.72 22.45
C ALA D 161 -20.15 -10.91 22.14
N TYR D 162 -20.45 -11.78 21.18
CA TYR D 162 -21.84 -12.08 20.86
C TYR D 162 -22.63 -12.56 22.08
N SER D 163 -21.99 -13.36 22.93
CA SER D 163 -22.60 -13.92 24.14
C SER D 163 -22.89 -12.86 25.18
N GLU D 164 -21.91 -11.99 25.46
CA GLU D 164 -22.10 -10.88 26.39
C GLU D 164 -23.18 -9.92 25.89
N ALA D 165 -23.21 -9.67 24.59
CA ALA D 165 -24.23 -8.79 24.03
C ALA D 165 -25.60 -9.40 24.21
N HIS D 166 -25.67 -10.71 24.12
CA HIS D 166 -26.93 -11.45 24.27
C HIS D 166 -27.52 -11.32 25.68
N GLU D 167 -26.69 -11.51 26.70
CA GLU D 167 -27.09 -11.38 28.09
C GLU D 167 -27.63 -9.99 28.38
N ILE D 168 -26.87 -8.98 27.99
CA ILE D 168 -27.23 -7.60 28.21
C ILE D 168 -28.52 -7.22 27.46
N SER D 169 -28.64 -7.64 26.21
CA SER D 169 -29.84 -7.31 25.42
C SER D 169 -31.08 -8.05 25.92
N LYS D 170 -30.91 -9.26 26.43
CA LYS D 170 -32.04 -10.06 26.94
C LYS D 170 -32.72 -9.35 28.11
N GLU D 171 -31.91 -8.80 29.01
CA GLU D 171 -32.45 -8.20 30.22
C GLU D 171 -32.97 -6.80 30.02
N HIS D 172 -32.22 -5.95 29.33
CA HIS D 172 -32.50 -4.52 29.33
C HIS D 172 -33.05 -3.99 28.02
N MET D 173 -33.29 -4.85 27.03
CA MET D 173 -33.88 -4.41 25.76
C MET D 173 -35.07 -5.29 25.43
N GLN D 174 -36.08 -4.73 24.78
CA GLN D 174 -37.25 -5.52 24.43
C GLN D 174 -37.00 -6.29 23.13
N PRO D 175 -37.68 -7.43 22.95
CA PRO D 175 -37.40 -8.39 21.86
C PRO D 175 -37.63 -7.87 20.43
N THR D 176 -38.31 -6.75 20.30
CA THR D 176 -38.58 -6.14 19.00
C THR D 176 -37.55 -5.09 18.59
N HIS D 177 -36.66 -4.72 19.52
CA HIS D 177 -35.63 -3.72 19.23
C HIS D 177 -34.77 -4.20 18.06
N PRO D 178 -34.58 -3.36 17.03
CA PRO D 178 -33.77 -3.72 15.86
C PRO D 178 -32.37 -4.25 16.18
N ILE D 179 -31.74 -3.67 17.19
CA ILE D 179 -30.40 -4.06 17.61
C ILE D 179 -30.40 -5.46 18.23
N ARG D 180 -31.37 -5.75 19.09
CA ARG D 180 -31.47 -7.10 19.64
C ARG D 180 -31.81 -8.14 18.58
N LEU D 181 -32.61 -7.75 17.59
CA LEU D 181 -32.92 -8.65 16.48
C LEU D 181 -31.71 -8.85 15.60
N GLY D 182 -30.99 -7.77 15.32
CA GLY D 182 -29.80 -7.84 14.47
C GLY D 182 -28.76 -8.74 15.07
N LEU D 183 -28.64 -8.64 16.39
CA LEU D 183 -27.72 -9.48 17.15
C LEU D 183 -28.09 -10.95 16.97
N ALA D 184 -29.33 -11.25 17.27
CA ALA D 184 -29.83 -12.59 17.08
C ALA D 184 -29.55 -13.05 15.65
N LEU D 185 -29.75 -12.14 14.70
CA LEU D 185 -29.57 -12.51 13.31
C LEU D 185 -28.11 -12.89 13.09
N ASN D 186 -27.19 -12.01 13.47
CA ASN D 186 -25.79 -12.28 13.22
C ASN D 186 -25.23 -13.40 14.08
N TYR D 187 -25.67 -13.47 15.34
CA TYR D 187 -25.23 -14.54 16.24
C TYR D 187 -25.66 -15.90 15.66
N SER D 188 -26.88 -15.98 15.15
CA SER D 188 -27.37 -17.21 14.54
C SER D 188 -26.49 -17.60 13.37
N VAL D 189 -26.12 -16.62 12.54
CA VAL D 189 -25.24 -16.86 11.39
C VAL D 189 -23.84 -17.31 11.85
N PHE D 190 -23.34 -16.73 12.92
CA PHE D 190 -22.09 -17.18 13.50
C PHE D 190 -22.20 -18.67 13.76
N TYR D 191 -23.24 -19.08 14.46
CA TYR D 191 -23.45 -20.48 14.78
C TYR D 191 -23.47 -21.37 13.54
N TYR D 192 -24.25 -20.99 12.54
CA TYR D 192 -24.35 -21.80 11.32
C TYR D 192 -23.05 -21.87 10.50
N GLU D 193 -22.43 -20.72 10.23
CA GLU D 193 -21.30 -20.63 9.27
C GLU D 193 -19.92 -20.87 9.84
N ILE D 194 -19.71 -20.51 11.11
CA ILE D 194 -18.39 -20.60 11.74
C ILE D 194 -18.28 -21.79 12.71
N GLN D 195 -19.29 -21.99 13.53
CA GLN D 195 -19.31 -23.12 14.44
C GLN D 195 -19.88 -24.36 13.76
N ASN D 196 -20.55 -24.18 12.64
CA ASN D 196 -21.20 -25.27 11.96
C ASN D 196 -22.16 -26.03 12.88
N ALA D 197 -23.02 -25.29 13.58
CA ALA D 197 -23.99 -25.84 14.53
C ALA D 197 -25.43 -25.40 14.16
N PRO D 198 -26.00 -26.01 13.11
CA PRO D 198 -27.32 -25.67 12.57
C PRO D 198 -28.49 -25.65 13.58
N GLU D 199 -28.48 -26.53 14.55
CA GLU D 199 -29.61 -26.62 15.47
C GLU D 199 -29.64 -25.44 16.45
N GLN D 200 -28.47 -24.97 16.88
CA GLN D 200 -28.38 -23.77 17.70
C GLN D 200 -28.77 -22.56 16.87
N ALA D 201 -28.17 -22.46 15.69
CA ALA D 201 -28.45 -21.37 14.79
C ALA D 201 -29.96 -21.15 14.70
N CYS D 202 -30.65 -22.23 14.36
CA CYS D 202 -32.10 -22.21 14.19
C CYS D 202 -32.83 -21.87 15.48
N HIS D 203 -32.44 -22.52 16.58
CA HIS D 203 -33.11 -22.28 17.84
C HIS D 203 -33.08 -20.77 18.16
N LEU D 204 -31.89 -20.19 18.05
CA LEU D 204 -31.65 -18.79 18.40
C LEU D 204 -32.45 -17.87 17.49
N ALA D 205 -32.42 -18.13 16.19
CA ALA D 205 -33.18 -17.34 15.24
C ALA D 205 -34.68 -17.46 15.49
N LYS D 206 -35.16 -18.69 15.61
CA LYS D 206 -36.58 -18.96 15.94
C LYS D 206 -37.04 -18.32 17.26
N THR D 207 -36.28 -18.55 18.34
CA THR D 207 -36.60 -17.98 19.64
C THR D 207 -36.73 -16.47 19.54
N ALA D 208 -35.78 -15.83 18.89
CA ALA D 208 -35.75 -14.36 18.79
C ALA D 208 -36.88 -13.82 17.92
N PHE D 209 -37.26 -14.57 16.90
CA PHE D 209 -38.40 -14.25 16.03
C PHE D 209 -39.71 -14.36 16.80
N ASP D 210 -39.90 -15.49 17.46
CA ASP D 210 -41.12 -15.75 18.23
C ASP D 210 -41.30 -14.71 19.32
N ASP D 211 -40.23 -14.40 20.06
CA ASP D 211 -40.27 -13.39 21.12
C ASP D 211 -40.64 -12.01 20.60
N ALA D 212 -40.28 -11.74 19.35
CA ALA D 212 -40.60 -10.45 18.70
C ALA D 212 -42.07 -10.42 18.25
N ILE D 213 -42.54 -11.53 17.72
CA ILE D 213 -43.91 -11.66 17.28
C ILE D 213 -44.88 -11.41 18.44
N ALA D 214 -44.59 -12.01 19.59
CA ALA D 214 -45.37 -11.81 20.82
C ALA D 214 -45.66 -10.34 21.13
N GLU D 215 -44.63 -9.48 21.03
CA GLU D 215 -44.75 -8.05 21.32
C GLU D 215 -45.10 -7.21 20.09
N LEU D 216 -45.35 -7.86 18.97
CA LEU D 216 -45.55 -7.15 17.73
C LEU D 216 -46.85 -6.32 17.76
N ASP D 217 -47.84 -6.84 18.50
CA ASP D 217 -49.17 -6.20 18.67
C ASP D 217 -49.11 -4.67 18.78
N THR D 218 -48.33 -4.21 19.75
CA THR D 218 -48.29 -2.82 20.15
C THR D 218 -46.96 -2.21 19.79
N LEU D 219 -46.62 -2.31 18.51
CA LEU D 219 -45.47 -1.60 17.97
C LEU D 219 -45.96 -0.32 17.29
N ASN D 220 -45.26 0.77 17.57
CA ASN D 220 -45.45 2.03 16.84
C ASN D 220 -45.34 1.73 15.34
N GLU D 221 -45.96 2.54 14.50
CA GLU D 221 -45.84 2.38 13.04
C GLU D 221 -44.46 2.76 12.48
N ASP D 222 -43.68 3.49 13.29
CA ASP D 222 -42.30 3.87 12.95
C ASP D 222 -41.35 2.68 13.13
N SER D 223 -41.35 2.11 14.34
CA SER D 223 -40.50 0.96 14.67
C SER D 223 -40.98 -0.34 14.02
N TYR D 224 -42.26 -0.41 13.65
CA TYR D 224 -42.82 -1.59 12.98
C TYR D 224 -42.08 -1.92 11.68
N LYS D 225 -41.80 -0.88 10.88
CA LYS D 225 -41.05 -1.04 9.63
C LYS D 225 -39.61 -1.47 9.88
N ASP D 226 -39.01 -0.99 10.97
CA ASP D 226 -37.61 -1.28 11.31
C ASP D 226 -37.38 -2.73 11.75
N SER D 227 -38.31 -3.26 12.54
CA SER D 227 -38.17 -4.59 13.13
C SER D 227 -38.54 -5.67 12.14
N THR D 228 -39.65 -5.50 11.42
CA THR D 228 -40.12 -6.49 10.43
C THR D 228 -39.08 -6.74 9.32
N LEU D 229 -38.36 -5.69 8.97
CA LEU D 229 -37.30 -5.80 7.98
C LEU D 229 -36.27 -6.86 8.41
N ILE D 230 -35.86 -6.77 9.67
CA ILE D 230 -34.89 -7.68 10.23
C ILE D 230 -35.50 -9.04 10.51
N MET D 231 -36.76 -9.06 10.96
CA MET D 231 -37.47 -10.32 11.23
C MET D 231 -37.69 -11.18 9.97
N GLN D 232 -37.84 -10.54 8.81
CA GLN D 232 -37.87 -11.23 7.53
C GLN D 232 -36.60 -12.02 7.33
N LEU D 233 -35.46 -11.36 7.54
CA LEU D 233 -34.16 -12.00 7.35
C LEU D 233 -33.96 -13.18 8.29
N LEU D 234 -34.43 -13.06 9.53
CA LEU D 234 -34.40 -14.18 10.45
C LEU D 234 -35.17 -15.35 9.86
N ARG D 235 -36.33 -15.05 9.32
CA ARG D 235 -37.19 -16.08 8.78
C ARG D 235 -36.60 -16.68 7.51
N ASP D 236 -36.12 -15.83 6.62
CA ASP D 236 -35.53 -16.29 5.38
C ASP D 236 -34.43 -17.30 5.68
N ASN D 237 -33.55 -16.94 6.60
CA ASN D 237 -32.48 -17.84 7.01
C ASN D 237 -33.08 -19.16 7.49
N LEU D 238 -33.99 -19.09 8.46
CA LEU D 238 -34.61 -20.27 9.06
C LEU D 238 -35.20 -21.20 8.00
N THR D 239 -35.93 -20.62 7.06
CA THR D 239 -36.51 -21.36 5.95
C THR D 239 -35.41 -22.07 5.16
N LEU D 240 -34.36 -21.32 4.84
CA LEU D 240 -33.21 -21.88 4.11
C LEU D 240 -32.51 -23.02 4.88
N TRP D 241 -32.32 -22.81 6.18
CA TRP D 241 -31.62 -23.75 7.03
C TRP D 241 -32.43 -25.02 7.28
N THR D 242 -33.77 -24.91 7.24
CA THR D 242 -34.65 -26.07 7.50
C THR D 242 -35.23 -26.65 6.19
N SER D 243 -34.44 -26.63 5.12
CA SER D 243 -34.85 -27.19 3.81
C SER D 243 -33.78 -28.09 3.16
N ASP D 244 -32.58 -28.18 3.73
CA ASP D 244 -31.44 -28.81 3.04
C ASP D 244 -30.38 -29.46 3.96
N ARG E 16 36.45 -7.78 -3.49
CA ARG E 16 35.57 -7.33 -4.61
C ARG E 16 35.72 -5.84 -4.94
N ALA E 17 35.35 -5.46 -6.16
CA ALA E 17 35.48 -4.08 -6.65
C ALA E 17 34.45 -3.07 -6.07
N VAL E 18 34.53 -1.81 -6.50
CA VAL E 18 33.65 -0.71 -6.05
C VAL E 18 33.07 0.02 -7.27
N GLU E 20 29.98 3.38 -8.39
CA GLU E 20 29.67 4.76 -7.99
C GLU E 20 29.25 4.91 -6.51
N LEU E 21 29.40 6.15 -6.02
CA LEU E 21 29.01 6.57 -4.66
C LEU E 21 27.89 7.66 -4.69
N ASP E 22 26.64 7.20 -4.88
CA ASP E 22 25.46 8.06 -5.08
C ASP E 22 24.38 7.73 -4.03
N ARG F 15 19.39 17.25 22.26
CA ARG F 15 19.65 15.77 22.21
C ARG F 15 18.60 14.98 23.02
N ARG F 16 18.58 13.65 22.87
CA ARG F 16 17.59 12.78 23.53
C ARG F 16 18.23 11.72 24.41
N ALA F 17 17.37 10.93 25.04
CA ALA F 17 17.80 9.73 25.72
C ALA F 17 17.70 8.51 24.82
N VAL F 18 18.42 7.47 25.19
CA VAL F 18 18.50 6.26 24.40
C VAL F 18 17.66 5.17 25.08
N GLU F 20 16.21 0.96 24.88
CA GLU F 20 16.93 -0.29 24.72
C GLU F 20 17.45 -0.46 23.29
N LEU F 21 18.68 -0.91 23.15
CA LEU F 21 19.31 -1.06 21.82
C LEU F 21 18.99 -2.42 21.18
N ASP F 22 19.67 -2.71 20.07
CA ASP F 22 19.70 -4.06 19.48
C ASP F 22 20.98 -4.36 18.63
N ALA F 23 21.01 -4.00 17.34
CA ALA F 23 22.17 -4.26 16.47
C ALA F 23 23.44 -3.49 16.90
N ARG G 15 -31.58 13.11 -16.48
CA ARG G 15 -31.62 12.08 -17.55
C ARG G 15 -30.57 12.40 -18.63
N ARG G 16 -29.86 11.37 -19.12
CA ARG G 16 -28.88 11.57 -20.21
C ARG G 16 -28.47 10.30 -20.96
N ALA G 17 -27.62 10.48 -21.98
CA ALA G 17 -27.19 9.40 -22.88
C ALA G 17 -26.17 8.48 -22.25
N VAL G 18 -26.15 7.25 -22.78
CA VAL G 18 -25.26 6.19 -22.37
C VAL G 18 -24.04 6.22 -23.29
N GLU G 20 -20.50 3.82 -24.35
CA GLU G 20 -20.19 2.40 -24.46
C GLU G 20 -20.17 1.67 -23.09
N LEU G 21 -20.70 0.47 -23.03
CA LEU G 21 -20.83 -0.28 -21.77
C LEU G 21 -19.55 -1.06 -21.42
N ASP G 22 -19.64 -1.92 -20.39
CA ASP G 22 -18.47 -2.54 -19.76
C ASP G 22 -18.67 -4.05 -19.57
N ALA G 23 -17.59 -4.73 -19.13
CA ALA G 23 -17.65 -6.07 -18.53
C ALA G 23 -18.77 -6.20 -17.49
N ARG H 15 -27.14 -21.79 -0.56
CA ARG H 15 -26.54 -20.51 -1.07
C ARG H 15 -25.70 -19.88 0.05
N ARG H 16 -26.35 -19.32 1.06
CA ARG H 16 -25.69 -18.65 2.19
C ARG H 16 -26.76 -17.92 3.02
N ALA H 17 -26.46 -17.66 4.28
CA ALA H 17 -27.29 -16.79 5.12
C ALA H 17 -27.06 -15.31 4.85
N VAL H 18 -27.90 -14.48 5.43
CA VAL H 18 -27.83 -13.03 5.27
C VAL H 18 -27.64 -12.44 6.66
N GLU H 20 -27.16 -8.79 9.12
CA GLU H 20 -27.77 -7.48 9.15
C GLU H 20 -27.42 -6.68 7.92
N LEU H 21 -28.34 -5.84 7.48
CA LEU H 21 -28.23 -5.10 6.23
C LEU H 21 -27.84 -3.62 6.42
N ASP H 22 -28.03 -2.79 5.40
CA ASP H 22 -27.64 -1.36 5.40
C ASP H 22 -28.77 -0.40 5.00
N ALA H 23 -29.11 -0.37 3.70
CA ALA H 23 -30.17 0.50 3.16
C ALA H 23 -30.56 0.07 1.77
#